data_7CNV
#
_entry.id   7CNV
#
_cell.length_a   64.820
_cell.length_b   104.080
_cell.length_c   65.280
_cell.angle_alpha   90.00
_cell.angle_beta   106.12
_cell.angle_gamma   90.00
#
_symmetry.space_group_name_H-M   'P 1 21 1'
#
loop_
_entity.id
_entity.type
_entity.pdbx_description
1 polymer 'Nitrogen-fixing NifU domain protein'
2 non-polymer 'FE2/S2 (INORGANIC) CLUSTER'
3 non-polymer 'FE (II) ION'
4 non-polymer 'PENTAETHYLENE GLYCOL'
5 non-polymer 'SULFATE ION'
6 non-polymer 'TRIETHYLENE GLYCOL'
7 water water
#
_entity_poly.entity_id   1
_entity_poly.type   'polypeptide(L)'
_entity_poly.pdbx_seq_one_letter_code
;MIQQTGYSKKVMEHFMNPRNVGVIDDPDGYGKVGNPVCGDLMEIFIKVGDEKIEDIKFRTFGCGAAIATSSMITEMARGK
SLEEAMRITRNDVADALDGLPPQKMCCSNLAADALHAAINDYLSKKQKHLEH
;
_entity_poly.pdbx_strand_id   A,B,C,D,E,F
#
loop_
_chem_comp.id
_chem_comp.type
_chem_comp.name
_chem_comp.formula
1PE non-polymer 'PENTAETHYLENE GLYCOL' 'C10 H22 O6'
FE2 non-polymer 'FE (II) ION' 'Fe 2'
FES non-polymer 'FE2/S2 (INORGANIC) CLUSTER' 'Fe2 S2'
PGE non-polymer 'TRIETHYLENE GLYCOL' 'C6 H14 O4'
SO4 non-polymer 'SULFATE ION' 'O4 S -2'
#
# COMPACT_ATOMS: atom_id res chain seq x y z
N MET A 1 31.07 20.69 -27.42
CA MET A 1 31.20 19.60 -28.40
C MET A 1 30.31 19.91 -29.60
N ILE A 2 30.77 19.47 -30.77
CA ILE A 2 30.04 19.64 -32.02
C ILE A 2 29.13 18.44 -32.19
N GLN A 3 27.95 18.65 -32.79
CA GLN A 3 26.94 17.64 -33.02
C GLN A 3 26.60 16.90 -31.72
N GLN A 4 26.26 17.69 -30.68
CA GLN A 4 25.96 17.14 -29.37
C GLN A 4 24.62 16.40 -29.45
N THR A 5 24.57 15.23 -28.84
CA THR A 5 23.31 14.53 -28.61
C THR A 5 23.20 14.20 -27.13
N GLY A 6 21.98 13.92 -26.70
CA GLY A 6 21.78 13.50 -25.32
C GLY A 6 20.30 13.36 -25.01
N TYR A 7 20.01 13.24 -23.71
CA TYR A 7 18.70 12.86 -23.23
C TYR A 7 18.12 14.01 -22.39
N SER A 8 16.85 14.28 -22.63
CA SER A 8 16.13 15.32 -21.92
C SER A 8 15.63 14.79 -20.57
N LYS A 9 15.13 15.74 -19.77
CA LYS A 9 14.60 15.39 -18.45
C LYS A 9 13.26 14.68 -18.60
N LYS A 10 12.44 15.08 -19.59
CA LYS A 10 11.14 14.47 -19.79
C LYS A 10 11.32 12.99 -20.14
N VAL A 11 12.26 12.74 -21.06
CA VAL A 11 12.55 11.37 -21.50
C VAL A 11 13.02 10.55 -20.31
N MET A 12 13.89 11.14 -19.47
CA MET A 12 14.40 10.47 -18.28
C MET A 12 13.24 10.05 -17.36
N GLU A 13 12.31 10.99 -17.17
CA GLU A 13 11.14 10.78 -16.34
C GLU A 13 10.33 9.58 -16.85
N HIS A 14 10.12 9.64 -18.16
CA HIS A 14 9.30 8.61 -18.76
C HIS A 14 9.97 7.24 -18.66
N PHE A 15 11.31 7.20 -18.79
CA PHE A 15 12.08 5.98 -18.63
C PHE A 15 11.96 5.41 -17.23
N MET A 16 12.04 6.33 -16.29
CA MET A 16 12.12 5.86 -14.90
C MET A 16 10.74 5.44 -14.40
N ASN A 17 9.72 6.18 -14.82
CA ASN A 17 8.38 5.91 -14.34
C ASN A 17 7.42 5.82 -15.53
N PRO A 18 7.54 4.79 -16.39
CA PRO A 18 6.68 4.72 -17.58
C PRO A 18 5.22 4.46 -17.23
N ARG A 19 4.31 5.15 -17.93
CA ARG A 19 2.88 4.94 -17.78
C ARG A 19 2.43 3.80 -18.71
N ASN A 20 1.47 2.98 -18.23
CA ASN A 20 0.72 2.06 -19.09
C ASN A 20 1.57 0.88 -19.59
N VAL A 21 2.60 0.48 -18.84
CA VAL A 21 3.33 -0.75 -19.11
C VAL A 21 2.46 -1.95 -18.74
N GLY A 22 2.34 -2.87 -19.69
CA GLY A 22 1.84 -4.20 -19.38
C GLY A 22 1.06 -4.74 -20.57
N VAL A 23 0.04 -5.52 -20.28
CA VAL A 23 -0.77 -6.20 -21.28
C VAL A 23 -2.25 -5.99 -20.92
N ILE A 24 -3.10 -6.09 -21.95
CA ILE A 24 -4.54 -6.27 -21.79
C ILE A 24 -4.94 -7.61 -22.38
N ASP A 25 -5.46 -8.52 -21.54
CA ASP A 25 -6.00 -9.80 -21.97
C ASP A 25 -7.27 -9.56 -22.78
N ASP A 26 -7.34 -10.25 -23.92
CA ASP A 26 -8.48 -10.11 -24.82
C ASP A 26 -8.68 -8.63 -25.16
N PRO A 27 -7.71 -8.00 -25.86
CA PRO A 27 -7.83 -6.59 -26.20
C PRO A 27 -8.72 -6.37 -27.43
N ASP A 28 -9.30 -5.17 -27.54
CA ASP A 28 -10.11 -4.82 -28.71
C ASP A 28 -9.16 -4.62 -29.89
N GLY A 29 -8.00 -4.04 -29.63
CA GLY A 29 -6.99 -3.79 -30.64
C GLY A 29 -5.61 -4.21 -30.12
N TYR A 30 -4.91 -4.90 -31.01
CA TYR A 30 -3.54 -5.35 -30.77
C TYR A 30 -2.64 -4.96 -31.93
N GLY A 31 -1.54 -4.30 -31.61
CA GLY A 31 -0.54 -3.89 -32.59
C GLY A 31 0.86 -4.27 -32.12
N LYS A 32 1.60 -4.89 -33.03
CA LYS A 32 2.99 -5.24 -32.78
C LYS A 32 3.86 -4.78 -33.95
N VAL A 33 4.88 -3.95 -33.68
CA VAL A 33 5.87 -3.60 -34.68
C VAL A 33 7.27 -3.79 -34.09
N GLY A 34 8.22 -3.76 -35.03
CA GLY A 34 9.59 -4.07 -34.83
C GLY A 34 10.51 -2.95 -35.29
N ASN A 35 11.58 -2.83 -34.54
CA ASN A 35 12.62 -1.90 -34.95
C ASN A 35 13.60 -2.66 -35.84
N PRO A 36 13.77 -2.31 -37.15
CA PRO A 36 14.58 -3.13 -38.05
C PRO A 36 16.06 -3.23 -37.67
N VAL A 37 16.58 -2.29 -36.87
CA VAL A 37 18.01 -2.22 -36.62
C VAL A 37 18.38 -3.07 -35.41
N CYS A 38 17.72 -2.89 -34.27
CA CYS A 38 18.10 -3.66 -33.10
C CYS A 38 17.30 -4.97 -33.01
N GLY A 39 16.14 -5.04 -33.68
CA GLY A 39 15.28 -6.22 -33.55
C GLY A 39 14.25 -6.16 -32.40
N ASP A 40 14.23 -5.07 -31.60
CA ASP A 40 13.23 -4.94 -30.53
C ASP A 40 11.82 -4.81 -31.11
N LEU A 41 10.90 -5.37 -30.35
CA LEU A 41 9.48 -5.39 -30.58
C LEU A 41 8.78 -4.47 -29.58
N MET A 42 7.78 -3.79 -30.16
CA MET A 42 6.81 -2.95 -29.47
C MET A 42 5.39 -3.43 -29.74
N GLU A 43 4.68 -3.66 -28.61
CA GLU A 43 3.30 -4.13 -28.57
C GLU A 43 2.42 -3.13 -27.80
N ILE A 44 1.31 -2.80 -28.50
CA ILE A 44 0.26 -1.98 -27.93
C ILE A 44 -1.08 -2.72 -27.98
N PHE A 45 -1.74 -2.57 -26.83
CA PHE A 45 -3.05 -3.11 -26.48
C PHE A 45 -4.01 -1.98 -26.14
N ILE A 46 -5.19 -2.05 -26.79
CA ILE A 46 -6.26 -1.10 -26.59
C ILE A 46 -7.56 -1.81 -26.24
N LYS A 47 -8.23 -1.16 -25.30
CA LYS A 47 -9.65 -1.28 -25.06
C LYS A 47 -10.38 -0.04 -25.58
N VAL A 48 -11.44 -0.30 -26.36
CA VAL A 48 -12.24 0.74 -27.02
C VAL A 48 -13.62 0.82 -26.36
N GLY A 49 -13.98 1.99 -25.85
CA GLY A 49 -15.31 2.26 -25.32
C GLY A 49 -15.85 3.56 -25.91
N ASP A 50 -17.02 3.50 -26.57
CA ASP A 50 -17.67 4.69 -27.07
C ASP A 50 -16.80 5.35 -28.14
N GLU A 51 -16.24 4.51 -29.02
CA GLU A 51 -15.31 4.93 -30.07
C GLU A 51 -14.17 5.80 -29.54
N LYS A 52 -13.70 5.46 -28.34
CA LYS A 52 -12.53 6.09 -27.74
C LYS A 52 -11.58 5.01 -27.21
N ILE A 53 -10.31 5.39 -27.01
CA ILE A 53 -9.37 4.56 -26.28
C ILE A 53 -9.69 4.68 -24.79
N GLU A 54 -10.31 3.62 -24.27
CA GLU A 54 -10.70 3.50 -22.87
C GLU A 54 -9.49 3.05 -22.05
N ASP A 55 -8.75 2.07 -22.54
CA ASP A 55 -7.56 1.62 -21.87
C ASP A 55 -6.48 1.31 -22.91
N ILE A 56 -5.27 1.48 -22.46
CA ILE A 56 -4.14 1.25 -23.34
C ILE A 56 -2.96 0.74 -22.51
N LYS A 57 -2.30 -0.29 -23.02
CA LYS A 57 -1.02 -0.74 -22.47
C LYS A 57 0.03 -0.94 -23.58
N PHE A 58 1.30 -0.92 -23.18
CA PHE A 58 2.41 -1.31 -24.05
C PHE A 58 3.40 -2.24 -23.37
N ARG A 59 4.03 -3.07 -24.16
CA ARG A 59 5.07 -3.96 -23.67
C ARG A 59 6.22 -4.00 -24.67
N THR A 60 7.43 -3.88 -24.15
CA THR A 60 8.57 -3.87 -25.03
C THR A 60 9.77 -4.26 -24.18
N PHE A 61 10.71 -4.88 -24.86
CA PHE A 61 12.03 -5.05 -24.24
C PHE A 61 13.07 -4.09 -24.80
N GLY A 62 12.61 -3.02 -25.46
CA GLY A 62 13.55 -2.12 -26.13
C GLY A 62 14.22 -1.12 -25.18
N CYS A 63 14.79 -0.04 -25.75
CA CYS A 63 15.74 0.82 -25.06
C CYS A 63 14.97 1.92 -24.32
N GLY A 64 15.72 2.79 -23.63
CA GLY A 64 15.12 3.85 -22.83
C GLY A 64 14.30 4.79 -23.71
N ALA A 65 14.82 5.07 -24.89
CA ALA A 65 14.16 6.04 -25.75
C ALA A 65 12.80 5.47 -26.20
N ALA A 66 12.81 4.19 -26.56
CA ALA A 66 11.58 3.54 -27.01
C ALA A 66 10.56 3.54 -25.88
N ILE A 67 11.04 3.27 -24.68
CA ILE A 67 10.11 3.09 -23.58
C ILE A 67 9.51 4.44 -23.18
N ALA A 68 10.33 5.46 -23.10
CA ALA A 68 9.84 6.77 -22.71
C ALA A 68 8.83 7.28 -23.74
N THR A 69 9.18 7.06 -25.04
CA THR A 69 8.27 7.54 -26.07
C THR A 69 6.95 6.80 -25.97
N SER A 70 7.00 5.48 -25.70
CA SER A 70 5.77 4.73 -25.55
C SER A 70 4.92 5.23 -24.40
N SER A 71 5.59 5.52 -23.29
CA SER A 71 4.95 6.08 -22.11
C SER A 71 4.18 7.34 -22.46
N MET A 72 4.89 8.22 -23.21
CA MET A 72 4.29 9.47 -23.62
C MET A 72 3.05 9.26 -24.51
N ILE A 73 3.25 8.43 -25.52
CA ILE A 73 2.26 8.35 -26.57
C ILE A 73 1.03 7.64 -26.05
N THR A 74 1.20 6.61 -25.22
CA THR A 74 0.03 5.93 -24.68
C THR A 74 -0.72 6.87 -23.74
N GLU A 75 0.02 7.70 -22.97
CA GLU A 75 -0.63 8.68 -22.11
C GLU A 75 -1.50 9.65 -22.95
N MET A 76 -0.92 10.09 -24.06
CA MET A 76 -1.59 11.00 -24.96
C MET A 76 -2.85 10.38 -25.53
N ALA A 77 -2.77 9.10 -25.90
CA ALA A 77 -3.83 8.44 -26.60
C ALA A 77 -4.97 8.07 -25.68
N ARG A 78 -4.72 7.90 -24.37
CA ARG A 78 -5.80 7.55 -23.46
C ARG A 78 -6.93 8.58 -23.61
N GLY A 79 -8.16 8.10 -23.89
CA GLY A 79 -9.32 8.98 -23.85
C GLY A 79 -9.60 9.70 -25.18
N LYS A 80 -8.69 9.57 -26.15
CA LYS A 80 -8.89 10.16 -27.47
C LYS A 80 -9.78 9.26 -28.30
N SER A 81 -10.46 9.87 -29.28
CA SER A 81 -11.20 9.14 -30.30
C SER A 81 -10.22 8.40 -31.21
N LEU A 82 -10.72 7.34 -31.85
CA LEU A 82 -9.89 6.57 -32.77
C LEU A 82 -9.27 7.46 -33.84
N GLU A 83 -10.06 8.41 -34.33
CA GLU A 83 -9.60 9.31 -35.36
C GLU A 83 -8.43 10.16 -34.85
N GLU A 84 -8.59 10.69 -33.63
CA GLU A 84 -7.54 11.51 -33.06
C GLU A 84 -6.28 10.68 -32.82
N ALA A 85 -6.51 9.46 -32.36
CA ALA A 85 -5.43 8.54 -32.00
C ALA A 85 -4.58 8.19 -33.21
N MET A 86 -5.24 7.96 -34.35
CA MET A 86 -4.59 7.63 -35.60
C MET A 86 -3.70 8.77 -36.05
N ARG A 87 -3.87 10.01 -35.56
CA ARG A 87 -3.13 11.15 -36.04
C ARG A 87 -2.00 11.43 -35.08
N ILE A 88 -1.90 10.69 -33.96
CA ILE A 88 -0.81 10.88 -33.03
C ILE A 88 0.45 10.26 -33.61
N THR A 89 1.53 11.06 -33.65
CA THR A 89 2.84 10.55 -34.06
C THR A 89 3.89 11.03 -33.06
N ARG A 90 5.14 10.61 -33.29
CA ARG A 90 6.26 11.03 -32.48
C ARG A 90 6.38 12.56 -32.44
N ASN A 91 5.88 13.25 -33.48
CA ASN A 91 5.95 14.70 -33.57
C ASN A 91 5.22 15.39 -32.43
N ASP A 92 4.20 14.73 -31.87
CA ASP A 92 3.44 15.28 -30.77
C ASP A 92 4.29 15.42 -29.49
N VAL A 93 5.48 14.80 -29.47
CA VAL A 93 6.40 14.91 -28.34
C VAL A 93 7.79 15.25 -28.86
N ALA A 94 7.85 15.96 -30.01
CA ALA A 94 9.09 16.31 -30.67
C ALA A 94 10.05 17.02 -29.72
N ASP A 95 9.48 17.80 -28.80
CA ASP A 95 10.27 18.64 -27.91
C ASP A 95 11.08 17.79 -26.95
N ALA A 96 10.41 16.79 -26.36
CA ALA A 96 11.01 15.81 -25.47
C ALA A 96 12.14 15.04 -26.18
N LEU A 97 12.00 14.75 -27.48
CA LEU A 97 12.89 13.83 -28.18
C LEU A 97 14.07 14.55 -28.86
N ASP A 98 14.04 15.88 -28.88
CA ASP A 98 14.97 16.66 -29.68
C ASP A 98 16.40 16.44 -29.16
N GLY A 99 17.35 16.23 -30.08
CA GLY A 99 18.73 16.00 -29.68
C GLY A 99 19.07 14.56 -29.26
N LEU A 100 18.09 13.62 -29.35
CA LEU A 100 18.41 12.22 -29.06
C LEU A 100 19.45 11.73 -30.08
N PRO A 101 20.33 10.76 -29.76
CA PRO A 101 21.20 10.18 -30.79
C PRO A 101 20.29 9.85 -31.98
N PRO A 102 20.70 10.09 -33.24
CA PRO A 102 19.82 9.90 -34.39
C PRO A 102 19.33 8.45 -34.57
N GLN A 103 20.07 7.45 -34.04
CA GLN A 103 19.58 6.08 -34.15
C GLN A 103 18.31 5.85 -33.32
N LYS A 104 17.98 6.77 -32.42
CA LYS A 104 16.81 6.58 -31.59
C LYS A 104 15.56 7.07 -32.30
N MET A 105 15.65 7.56 -33.56
CA MET A 105 14.45 7.93 -34.31
C MET A 105 13.54 6.69 -34.49
N CYS A 106 14.16 5.57 -34.88
N CYS A 106 14.17 5.58 -34.88
CA CYS A 106 13.34 4.39 -35.10
CA CYS A 106 13.40 4.37 -35.09
C CYS A 106 12.77 3.89 -33.79
C CYS A 106 12.78 3.89 -33.78
N CYS A 107 13.53 3.99 -32.69
CA CYS A 107 13.03 3.63 -31.38
C CYS A 107 11.78 4.43 -31.04
N SER A 108 11.85 5.74 -31.31
CA SER A 108 10.78 6.64 -30.98
C SER A 108 9.56 6.40 -31.88
N ASN A 109 9.79 5.93 -33.10
CA ASN A 109 8.65 5.67 -33.99
C ASN A 109 7.87 4.45 -33.50
N LEU A 110 8.46 3.59 -32.65
CA LEU A 110 7.81 2.31 -32.43
C LEU A 110 6.42 2.56 -31.88
N ALA A 111 6.28 3.52 -30.96
CA ALA A 111 5.10 3.60 -30.14
C ALA A 111 3.87 3.93 -30.99
N ALA A 112 4.05 5.03 -31.75
CA ALA A 112 2.96 5.50 -32.56
C ALA A 112 2.59 4.46 -33.62
N ASP A 113 3.61 3.79 -34.19
CA ASP A 113 3.35 2.75 -35.18
C ASP A 113 2.49 1.63 -34.59
N ALA A 114 2.86 1.24 -33.37
CA ALA A 114 2.14 0.14 -32.75
C ALA A 114 0.73 0.57 -32.42
N LEU A 115 0.54 1.82 -32.00
CA LEU A 115 -0.79 2.39 -31.73
C LEU A 115 -1.65 2.27 -32.97
N HIS A 116 -1.05 2.70 -34.08
CA HIS A 116 -1.73 2.73 -35.37
C HIS A 116 -2.17 1.32 -35.74
N ALA A 117 -1.26 0.38 -35.56
CA ALA A 117 -1.50 -1.02 -35.88
C ALA A 117 -2.68 -1.55 -35.05
N ALA A 118 -2.68 -1.21 -33.76
CA ALA A 118 -3.71 -1.63 -32.84
C ALA A 118 -5.08 -1.13 -33.30
N ILE A 119 -5.07 0.17 -33.66
CA ILE A 119 -6.32 0.79 -34.05
C ILE A 119 -6.83 0.13 -35.33
N ASN A 120 -5.92 -0.16 -36.26
CA ASN A 120 -6.26 -0.79 -37.54
C ASN A 120 -6.85 -2.15 -37.28
N ASP A 121 -6.26 -2.91 -36.35
CA ASP A 121 -6.73 -4.24 -35.97
C ASP A 121 -8.17 -4.16 -35.50
N TYR A 122 -8.39 -3.17 -34.61
CA TYR A 122 -9.70 -2.97 -34.02
C TYR A 122 -10.74 -2.71 -35.12
N LEU A 123 -10.34 -1.81 -36.03
CA LEU A 123 -11.21 -1.38 -37.12
C LEU A 123 -11.57 -2.56 -37.99
N SER A 124 -10.56 -3.38 -38.29
CA SER A 124 -10.83 -4.47 -39.20
C SER A 124 -11.73 -5.50 -38.50
N LYS A 125 -11.56 -5.70 -37.18
CA LYS A 125 -12.43 -6.58 -36.42
C LYS A 125 -13.88 -6.09 -36.49
N LYS A 126 -14.04 -4.78 -36.33
CA LYS A 126 -15.34 -4.12 -36.38
C LYS A 126 -16.01 -4.38 -37.73
N GLN A 127 -15.21 -4.19 -38.78
CA GLN A 127 -15.71 -4.35 -40.13
C GLN A 127 -16.16 -5.80 -40.34
N LYS A 128 -15.38 -6.77 -39.83
CA LYS A 128 -15.70 -8.17 -39.92
C LYS A 128 -16.74 -8.58 -38.90
N HIS A 129 -17.25 -7.72 -38.02
CA HIS A 129 -18.21 -8.14 -37.00
C HIS A 129 -17.60 -9.21 -36.09
N LEU A 130 -16.33 -9.00 -35.75
CA LEU A 130 -15.57 -9.94 -34.93
C LEU A 130 -14.96 -9.21 -33.75
N GLU A 131 -15.59 -8.10 -33.27
CA GLU A 131 -14.97 -7.08 -32.43
C GLU A 131 -15.13 -7.32 -30.92
N HIS A 132 -16.28 -7.83 -30.45
CA HIS A 132 -16.75 -7.65 -29.07
C HIS A 132 -16.90 -6.16 -28.75
N MET B 1 6.51 -21.82 -34.96
CA MET B 1 7.72 -21.28 -35.64
C MET B 1 8.96 -22.05 -35.17
N ILE B 2 9.93 -22.16 -36.06
CA ILE B 2 11.21 -22.80 -35.85
C ILE B 2 12.17 -21.74 -35.28
N GLN B 3 13.12 -22.19 -34.46
CA GLN B 3 14.23 -21.37 -33.95
C GLN B 3 13.65 -20.16 -33.20
N GLN B 4 12.74 -20.42 -32.26
CA GLN B 4 12.14 -19.40 -31.44
C GLN B 4 13.17 -18.78 -30.50
N THR B 5 13.24 -17.45 -30.48
CA THR B 5 13.97 -16.72 -29.47
C THR B 5 13.02 -15.67 -28.89
N GLY B 6 13.35 -15.18 -27.69
CA GLY B 6 12.39 -14.37 -26.97
C GLY B 6 12.84 -14.20 -25.53
N TYR B 7 11.88 -13.86 -24.66
CA TYR B 7 12.22 -13.42 -23.31
C TYR B 7 11.73 -14.45 -22.29
N SER B 8 12.69 -14.99 -21.52
CA SER B 8 12.45 -16.03 -20.53
C SER B 8 11.94 -15.37 -19.25
N LYS B 9 11.56 -16.20 -18.26
CA LYS B 9 11.00 -15.63 -17.03
C LYS B 9 12.09 -14.98 -16.19
N LYS B 10 13.28 -15.57 -16.13
CA LYS B 10 14.35 -15.02 -15.34
C LYS B 10 14.74 -13.62 -15.84
N VAL B 11 14.89 -13.59 -17.19
CA VAL B 11 15.29 -12.34 -17.83
C VAL B 11 14.22 -11.28 -17.58
N MET B 12 12.96 -11.69 -17.69
CA MET B 12 11.82 -10.79 -17.47
C MET B 12 11.87 -10.21 -16.05
N GLU B 13 12.15 -11.08 -15.08
CA GLU B 13 12.28 -10.69 -13.68
C GLU B 13 13.36 -9.63 -13.50
N HIS B 14 14.50 -9.92 -14.14
CA HIS B 14 15.61 -9.01 -14.00
C HIS B 14 15.26 -7.64 -14.62
N PHE B 15 14.55 -7.66 -15.75
CA PHE B 15 14.10 -6.45 -16.42
C PHE B 15 13.17 -5.63 -15.53
N MET B 16 12.27 -6.35 -14.91
CA MET B 16 11.19 -5.66 -14.22
C MET B 16 11.68 -5.16 -12.87
N ASN B 17 12.54 -5.95 -12.22
CA ASN B 17 13.01 -5.64 -10.89
C ASN B 17 14.53 -5.75 -10.87
N PRO B 18 15.27 -4.89 -11.59
CA PRO B 18 16.72 -4.99 -11.61
C PRO B 18 17.35 -4.65 -10.26
N ARG B 19 18.38 -5.42 -9.88
CA ARG B 19 19.17 -5.18 -8.68
C ARG B 19 20.27 -4.14 -8.97
N ASN B 20 20.54 -3.25 -8.02
CA ASN B 20 21.71 -2.41 -8.00
C ASN B 20 21.68 -1.32 -9.06
N VAL B 21 20.47 -0.83 -9.39
CA VAL B 21 20.32 0.36 -10.22
C VAL B 21 20.69 1.60 -9.41
N GLY B 22 21.55 2.43 -9.98
CA GLY B 22 21.72 3.78 -9.50
C GLY B 22 23.15 4.20 -9.77
N VAL B 23 23.60 5.07 -8.86
CA VAL B 23 24.93 5.69 -8.91
C VAL B 23 25.54 5.58 -7.53
N ILE B 24 26.89 5.64 -7.46
CA ILE B 24 27.65 5.89 -6.23
C ILE B 24 28.50 7.16 -6.37
N ASP B 25 28.23 8.17 -5.51
CA ASP B 25 28.95 9.43 -5.54
C ASP B 25 30.39 9.22 -5.08
N ASP B 26 31.32 9.78 -5.86
CA ASP B 26 32.74 9.65 -5.57
C ASP B 26 33.09 8.16 -5.38
N PRO B 27 32.97 7.35 -6.46
CA PRO B 27 33.15 5.90 -6.35
C PRO B 27 34.62 5.51 -6.35
N ASP B 28 34.93 4.31 -5.82
CA ASP B 28 36.30 3.81 -5.86
C ASP B 28 36.66 3.47 -7.30
N GLY B 29 35.70 2.88 -8.02
CA GLY B 29 35.86 2.48 -9.40
C GLY B 29 34.67 2.93 -10.22
N TYR B 30 34.97 3.48 -11.39
CA TYR B 30 33.98 3.88 -12.37
C TYR B 30 34.33 3.33 -13.75
N GLY B 31 33.38 2.64 -14.37
CA GLY B 31 33.53 2.06 -15.68
C GLY B 31 32.34 2.43 -16.57
N LYS B 32 32.68 2.86 -17.79
CA LYS B 32 31.68 3.16 -18.79
C LYS B 32 32.07 2.51 -20.12
N VAL B 33 31.16 1.71 -20.70
CA VAL B 33 31.35 1.14 -22.01
C VAL B 33 30.06 1.33 -22.81
N GLY B 34 30.28 1.22 -24.13
CA GLY B 34 29.31 1.49 -25.16
C GLY B 34 29.10 0.30 -26.10
N ASN B 35 27.87 0.20 -26.53
CA ASN B 35 27.50 -0.89 -27.43
C ASN B 35 27.76 -0.51 -28.87
N PRO B 36 28.65 -1.20 -29.63
CA PRO B 36 29.01 -0.79 -30.99
C PRO B 36 27.87 -0.71 -31.98
N VAL B 37 26.75 -1.39 -31.72
CA VAL B 37 25.66 -1.43 -32.68
C VAL B 37 24.66 -0.29 -32.43
N CYS B 38 24.08 -0.23 -31.22
CA CYS B 38 22.99 0.70 -30.99
C CYS B 38 23.53 2.03 -30.43
N GLY B 39 24.73 2.03 -29.84
CA GLY B 39 25.32 3.23 -29.25
C GLY B 39 24.94 3.46 -27.77
N ASP B 40 24.16 2.58 -27.15
CA ASP B 40 23.84 2.68 -25.73
C ASP B 40 25.10 2.51 -24.87
N LEU B 41 25.09 3.27 -23.77
CA LEU B 41 26.09 3.34 -22.75
C LEU B 41 25.62 2.61 -21.49
N MET B 42 26.62 1.94 -20.92
CA MET B 42 26.56 1.21 -19.65
C MET B 42 27.65 1.72 -18.71
N GLU B 43 27.20 2.10 -17.49
CA GLU B 43 28.02 2.65 -16.43
C GLU B 43 27.87 1.81 -15.15
N ILE B 44 29.05 1.49 -14.61
CA ILE B 44 29.20 0.75 -13.37
C ILE B 44 30.10 1.51 -12.42
N PHE B 45 29.61 1.52 -11.16
CA PHE B 45 30.18 2.13 -9.96
C PHE B 45 30.39 1.06 -8.90
N ILE B 46 31.63 1.09 -8.36
CA ILE B 46 32.04 0.22 -7.29
C ILE B 46 32.62 1.01 -6.12
N LYS B 47 32.21 0.48 -4.96
CA LYS B 47 32.87 0.69 -3.69
C LYS B 47 33.60 -0.57 -3.24
N VAL B 48 34.88 -0.38 -2.90
CA VAL B 48 35.78 -1.48 -2.53
C VAL B 48 36.10 -1.43 -1.05
N GLY B 49 35.78 -2.50 -0.31
CA GLY B 49 36.05 -2.62 1.11
C GLY B 49 36.74 -3.96 1.37
N ASP B 50 37.85 -3.88 2.10
CA ASP B 50 38.74 -5.02 2.25
C ASP B 50 39.47 -4.99 0.90
N GLU B 51 39.46 -6.08 0.15
CA GLU B 51 39.74 -6.04 -1.28
C GLU B 51 38.57 -6.74 -1.97
N LYS B 52 37.35 -6.27 -1.65
CA LYS B 52 36.12 -6.88 -2.15
C LYS B 52 35.21 -5.78 -2.70
N ILE B 53 34.26 -6.19 -3.55
CA ILE B 53 33.19 -5.29 -3.99
C ILE B 53 32.17 -5.20 -2.85
N GLU B 54 32.23 -4.06 -2.15
CA GLU B 54 31.36 -3.74 -1.02
C GLU B 54 30.01 -3.25 -1.56
N ASP B 55 30.04 -2.36 -2.56
CA ASP B 55 28.84 -1.89 -3.19
C ASP B 55 29.08 -1.75 -4.68
N ILE B 56 28.00 -1.93 -5.38
CA ILE B 56 28.02 -1.85 -6.82
C ILE B 56 26.70 -1.31 -7.32
N LYS B 57 26.78 -0.35 -8.23
CA LYS B 57 25.61 0.14 -8.95
C LYS B 57 25.85 0.22 -10.46
N PHE B 58 24.74 0.17 -11.21
CA PHE B 58 24.78 0.42 -12.65
C PHE B 58 23.67 1.36 -13.10
N ARG B 59 23.92 2.07 -14.19
CA ARG B 59 22.85 2.76 -14.88
C ARG B 59 23.04 2.68 -16.38
N THR B 60 21.93 2.67 -17.10
CA THR B 60 22.00 2.56 -18.53
C THR B 60 20.70 3.07 -19.09
N PHE B 61 20.78 3.60 -20.30
CA PHE B 61 19.58 3.83 -21.09
C PHE B 61 19.32 2.73 -22.14
N GLY B 62 20.08 1.62 -22.07
CA GLY B 62 19.94 0.57 -23.06
C GLY B 62 18.72 -0.34 -22.81
N CYS B 63 18.71 -1.51 -23.47
CA CYS B 63 17.49 -2.26 -23.69
C CYS B 63 17.26 -3.22 -22.52
N GLY B 64 16.17 -3.96 -22.57
CA GLY B 64 15.82 -4.88 -21.51
C GLY B 64 16.89 -5.94 -21.29
N ALA B 65 17.49 -6.40 -22.40
CA ALA B 65 18.47 -7.45 -22.23
C ALA B 65 19.69 -6.92 -21.50
N ALA B 66 20.11 -5.70 -21.85
CA ALA B 66 21.28 -5.10 -21.20
C ALA B 66 20.96 -4.90 -19.72
N ILE B 67 19.74 -4.50 -19.41
CA ILE B 67 19.43 -4.16 -18.03
C ILE B 67 19.38 -5.44 -17.19
N ALA B 68 18.73 -6.48 -17.70
CA ALA B 68 18.61 -7.71 -16.96
C ALA B 68 19.99 -8.32 -16.71
N THR B 69 20.81 -8.27 -17.79
CA THR B 69 22.15 -8.85 -17.63
C THR B 69 22.96 -8.05 -16.61
N SER B 70 22.82 -6.74 -16.62
CA SER B 70 23.51 -5.92 -15.63
C SER B 70 23.08 -6.25 -14.23
N SER B 71 21.77 -6.44 -14.05
CA SER B 71 21.20 -6.83 -12.77
C SER B 71 21.85 -8.12 -12.27
N MET B 72 21.94 -9.09 -13.20
CA MET B 72 22.52 -10.37 -12.88
C MET B 72 24.00 -10.24 -12.43
N ILE B 73 24.74 -9.55 -13.29
CA ILE B 73 26.18 -9.56 -13.13
C ILE B 73 26.55 -8.74 -11.90
N THR B 74 25.88 -7.63 -11.64
CA THR B 74 26.23 -6.86 -10.47
C THR B 74 25.85 -7.64 -9.22
N GLU B 75 24.72 -8.41 -9.25
CA GLU B 75 24.36 -9.25 -8.12
C GLU B 75 25.47 -10.28 -7.83
N MET B 76 25.97 -10.87 -8.91
CA MET B 76 27.02 -11.86 -8.83
C MET B 76 28.29 -11.27 -8.22
N ALA B 77 28.62 -10.05 -8.65
CA ALA B 77 29.87 -9.44 -8.28
C ALA B 77 29.84 -8.91 -6.86
N ARG B 78 28.68 -8.58 -6.30
CA ARG B 78 28.61 -8.07 -4.94
C ARG B 78 29.32 -9.05 -4.00
N GLY B 79 30.30 -8.57 -3.23
CA GLY B 79 30.91 -9.39 -2.20
C GLY B 79 32.08 -10.23 -2.69
N LYS B 80 32.33 -10.26 -4.01
CA LYS B 80 33.46 -11.00 -4.57
C LYS B 80 34.73 -10.16 -4.45
N SER B 81 35.88 -10.84 -4.43
CA SER B 81 37.18 -10.22 -4.52
C SER B 81 37.37 -9.61 -5.90
N LEU B 82 38.26 -8.62 -5.98
CA LEU B 82 38.56 -7.98 -7.26
C LEU B 82 38.99 -9.02 -8.29
N GLU B 83 39.77 -10.00 -7.85
CA GLU B 83 40.27 -11.03 -8.75
C GLU B 83 39.10 -11.85 -9.30
N GLU B 84 38.19 -12.23 -8.40
CA GLU B 84 37.04 -13.02 -8.83
C GLU B 84 36.17 -12.21 -9.79
N ALA B 85 36.02 -10.93 -9.45
CA ALA B 85 35.17 -10.01 -10.20
C ALA B 85 35.66 -9.83 -11.63
N MET B 86 36.98 -9.71 -11.79
CA MET B 86 37.61 -9.55 -13.07
C MET B 86 37.36 -10.76 -13.95
N ARG B 87 36.98 -11.92 -13.41
CA ARG B 87 36.85 -13.14 -14.18
C ARG B 87 35.39 -13.35 -14.49
N ILE B 88 34.50 -12.50 -13.99
CA ILE B 88 33.08 -12.62 -14.30
C ILE B 88 32.84 -12.13 -15.73
N THR B 89 32.19 -12.96 -16.54
CA THR B 89 31.75 -12.58 -17.89
C THR B 89 30.29 -12.98 -18.08
N ARG B 90 29.72 -12.66 -19.23
CA ARG B 90 28.35 -13.04 -19.55
C ARG B 90 28.18 -14.57 -19.49
N ASN B 91 29.26 -15.34 -19.67
CA ASN B 91 29.21 -16.79 -19.61
C ASN B 91 28.68 -17.32 -18.27
N ASP B 92 28.95 -16.57 -17.21
CA ASP B 92 28.57 -16.97 -15.87
C ASP B 92 27.05 -16.98 -15.71
N VAL B 93 26.32 -16.37 -16.66
CA VAL B 93 24.86 -16.35 -16.60
C VAL B 93 24.30 -16.85 -17.93
N ALA B 94 25.07 -17.67 -18.65
CA ALA B 94 24.67 -18.15 -19.96
C ALA B 94 23.30 -18.84 -19.91
N ASP B 95 23.02 -19.50 -18.80
CA ASP B 95 21.81 -20.31 -18.63
C ASP B 95 20.59 -19.39 -18.64
N ALA B 96 20.65 -18.32 -17.85
CA ALA B 96 19.61 -17.31 -17.79
C ALA B 96 19.35 -16.66 -19.15
N LEU B 97 20.39 -16.45 -19.96
CA LEU B 97 20.31 -15.62 -21.16
C LEU B 97 20.02 -16.44 -22.41
N ASP B 98 19.99 -17.78 -22.27
CA ASP B 98 19.76 -18.67 -23.40
C ASP B 98 18.35 -18.39 -23.94
N GLY B 99 18.21 -18.39 -25.27
CA GLY B 99 16.91 -18.11 -25.84
C GLY B 99 16.69 -16.63 -26.14
N LEU B 100 17.55 -15.72 -25.64
CA LEU B 100 17.47 -14.31 -26.03
C LEU B 100 17.74 -14.18 -27.52
N PRO B 101 17.14 -13.20 -28.23
CA PRO B 101 17.57 -12.93 -29.60
C PRO B 101 19.11 -12.83 -29.56
N PRO B 102 19.82 -13.47 -30.51
CA PRO B 102 21.28 -13.55 -30.41
C PRO B 102 21.96 -12.18 -30.56
N GLN B 103 21.28 -11.18 -31.20
CA GLN B 103 21.88 -9.85 -31.26
C GLN B 103 22.01 -9.21 -29.89
N LYS B 104 21.39 -9.77 -28.84
CA LYS B 104 21.52 -9.18 -27.53
C LYS B 104 22.79 -9.66 -26.86
N MET B 105 23.68 -10.39 -27.53
CA MET B 105 24.99 -10.74 -26.98
C MET B 105 25.78 -9.47 -26.66
N CYS B 106 25.77 -8.50 -27.57
CA CYS B 106 26.49 -7.26 -27.33
C CYS B 106 25.92 -6.53 -26.13
N CYS B 107 24.59 -6.52 -26.02
CA CYS B 107 23.90 -5.91 -24.90
C CYS B 107 24.35 -6.55 -23.59
N SER B 108 24.42 -7.88 -23.59
CA SER B 108 24.78 -8.66 -22.44
C SER B 108 26.21 -8.43 -22.05
N ASN B 109 27.09 -8.19 -23.02
CA ASN B 109 28.49 -8.02 -22.74
C ASN B 109 28.67 -6.69 -22.02
N LEU B 110 27.71 -5.75 -22.08
CA LEU B 110 28.02 -4.42 -21.58
C LEU B 110 28.38 -4.54 -20.10
N ALA B 111 27.65 -5.37 -19.36
CA ALA B 111 27.70 -5.32 -17.92
C ALA B 111 29.09 -5.68 -17.40
N ALA B 112 29.50 -6.86 -17.85
CA ALA B 112 30.78 -7.40 -17.43
C ALA B 112 31.93 -6.49 -17.86
N ASP B 113 31.81 -5.92 -19.09
CA ASP B 113 32.83 -5.02 -19.59
C ASP B 113 32.94 -3.80 -18.68
N ALA B 114 31.79 -3.27 -18.30
CA ALA B 114 31.79 -2.06 -17.48
C ALA B 114 32.35 -2.38 -16.10
N LEU B 115 32.06 -3.57 -15.56
CA LEU B 115 32.60 -4.03 -14.28
C LEU B 115 34.12 -4.02 -14.35
N HIS B 116 34.61 -4.61 -15.45
CA HIS B 116 36.05 -4.76 -15.67
C HIS B 116 36.69 -3.38 -15.68
N ALA B 117 36.06 -2.47 -16.41
CA ALA B 117 36.57 -1.11 -16.56
C ALA B 117 36.65 -0.43 -15.19
N ALA B 118 35.60 -0.61 -14.39
CA ALA B 118 35.52 -0.03 -13.07
C ALA B 118 36.69 -0.52 -12.21
N ILE B 119 36.89 -1.85 -12.28
CA ILE B 119 37.93 -2.47 -11.48
C ILE B 119 39.29 -1.91 -11.89
N ASN B 120 39.49 -1.77 -13.20
CA ASN B 120 40.74 -1.26 -13.75
C ASN B 120 40.99 0.15 -13.25
N ASP B 121 39.94 0.96 -13.25
CA ASP B 121 39.98 2.36 -12.79
C ASP B 121 40.45 2.38 -11.33
N TYR B 122 39.83 1.51 -10.55
CA TYR B 122 40.12 1.40 -9.12
C TYR B 122 41.60 1.07 -8.90
N LEU B 123 42.06 0.09 -9.69
CA LEU B 123 43.44 -0.38 -9.62
C LEU B 123 44.40 0.75 -9.93
N SER B 124 44.07 1.51 -10.97
CA SER B 124 44.96 2.56 -11.38
C SER B 124 44.99 3.67 -10.31
N LYS B 125 43.84 3.94 -9.67
CA LYS B 125 43.76 4.90 -8.58
C LYS B 125 44.66 4.46 -7.42
N LYS B 126 44.61 3.16 -7.10
CA LYS B 126 45.40 2.55 -6.06
C LYS B 126 46.89 2.72 -6.32
N GLN B 127 47.35 3.01 -7.56
CA GLN B 127 48.78 2.99 -7.87
C GLN B 127 49.68 3.32 -6.66
N MET C 1 -16.55 -14.78 7.83
CA MET C 1 -15.84 -13.63 8.47
C MET C 1 -16.79 -12.43 8.43
N ILE C 2 -17.04 -11.84 9.60
CA ILE C 2 -18.06 -10.81 9.75
C ILE C 2 -17.37 -9.46 9.54
N GLN C 3 -18.08 -8.49 8.95
CA GLN C 3 -17.59 -7.13 8.72
C GLN C 3 -16.28 -7.16 7.95
N GLN C 4 -16.28 -7.86 6.82
CA GLN C 4 -15.13 -7.92 5.94
C GLN C 4 -14.87 -6.56 5.31
N THR C 5 -13.60 -6.17 5.29
CA THR C 5 -13.16 -5.08 4.43
C THR C 5 -12.00 -5.55 3.56
N GLY C 6 -11.76 -4.84 2.46
CA GLY C 6 -10.71 -5.23 1.56
C GLY C 6 -10.71 -4.35 0.32
N TYR C 7 -9.90 -4.75 -0.67
CA TYR C 7 -9.56 -3.92 -1.79
C TYR C 7 -10.09 -4.57 -3.08
N SER C 8 -10.74 -3.74 -3.90
CA SER C 8 -11.30 -4.15 -5.18
C SER C 8 -10.21 -4.18 -6.25
N LYS C 9 -10.59 -4.79 -7.38
CA LYS C 9 -9.65 -4.95 -8.49
C LYS C 9 -9.41 -3.62 -9.17
N LYS C 10 -10.45 -2.79 -9.28
CA LYS C 10 -10.33 -1.48 -9.92
C LYS C 10 -9.33 -0.63 -9.13
N VAL C 11 -9.50 -0.64 -7.81
CA VAL C 11 -8.63 0.13 -6.92
C VAL C 11 -7.18 -0.34 -7.08
N MET C 12 -6.99 -1.66 -7.15
CA MET C 12 -5.67 -2.25 -7.33
C MET C 12 -5.02 -1.74 -8.62
N GLU C 13 -5.82 -1.75 -9.70
CA GLU C 13 -5.38 -1.30 -10.99
C GLU C 13 -4.90 0.16 -10.92
N HIS C 14 -5.75 0.95 -10.27
CA HIS C 14 -5.46 2.37 -10.20
C HIS C 14 -4.20 2.61 -9.37
N PHE C 15 -3.98 1.83 -8.31
CA PHE C 15 -2.77 1.90 -7.50
C PHE C 15 -1.54 1.58 -8.32
N MET C 16 -1.68 0.53 -9.11
CA MET C 16 -0.49 0.02 -9.77
C MET C 16 -0.14 0.89 -10.97
N ASN C 17 -1.17 1.36 -11.68
CA ASN C 17 -0.94 2.13 -12.89
C ASN C 17 -1.76 3.42 -12.82
N PRO C 18 -1.44 4.36 -11.91
CA PRO C 18 -2.26 5.57 -11.77
C PRO C 18 -2.14 6.48 -12.98
N ARG C 19 -3.28 7.08 -13.37
CA ARG C 19 -3.33 8.06 -14.44
C ARG C 19 -3.06 9.44 -13.88
N ASN C 20 -2.32 10.26 -14.66
CA ASN C 20 -2.19 11.69 -14.43
C ASN C 20 -1.35 11.98 -13.18
N VAL C 21 -0.38 11.13 -12.86
CA VAL C 21 0.63 11.41 -11.88
C VAL C 21 1.61 12.46 -12.41
N GLY C 22 1.83 13.50 -11.62
CA GLY C 22 2.95 14.37 -11.84
C GLY C 22 2.58 15.76 -11.39
N VAL C 23 3.21 16.72 -12.07
CA VAL C 23 3.05 18.15 -11.80
C VAL C 23 2.80 18.86 -13.13
N ILE C 24 2.17 20.05 -13.03
CA ILE C 24 2.13 21.05 -14.12
C ILE C 24 2.79 22.36 -13.67
N ASP C 25 3.90 22.73 -14.34
CA ASP C 25 4.61 23.97 -14.01
C ASP C 25 3.76 25.18 -14.38
N ASP C 26 3.69 26.11 -13.43
CA ASP C 26 2.90 27.33 -13.61
C ASP C 26 1.47 26.94 -14.00
N PRO C 27 0.73 26.26 -13.11
CA PRO C 27 -0.60 25.75 -13.46
C PRO C 27 -1.67 26.83 -13.37
N ASP C 28 -2.79 26.62 -14.08
CA ASP C 28 -3.90 27.56 -14.01
C ASP C 28 -4.55 27.45 -12.64
N GLY C 29 -4.67 26.22 -12.15
CA GLY C 29 -5.24 25.93 -10.85
C GLY C 29 -4.36 24.96 -10.09
N TYR C 30 -4.19 25.29 -8.82
CA TYR C 30 -3.46 24.45 -7.87
C TYR C 30 -4.25 24.25 -6.59
N GLY C 31 -4.42 22.99 -6.21
CA GLY C 31 -5.12 22.61 -5.00
C GLY C 31 -4.29 21.63 -4.18
N LYS C 32 -4.15 21.94 -2.89
CA LYS C 32 -3.50 21.05 -1.95
C LYS C 32 -4.36 20.86 -0.70
N VAL C 33 -4.71 19.59 -0.39
CA VAL C 33 -5.41 19.26 0.83
C VAL C 33 -4.70 18.10 1.53
N GLY C 34 -5.13 17.91 2.77
CA GLY C 34 -4.50 17.02 3.71
C GLY C 34 -5.48 16.08 4.38
N ASN C 35 -4.94 14.93 4.67
CA ASN C 35 -5.71 13.95 5.41
C ASN C 35 -5.48 14.17 6.92
N PRO C 36 -6.52 14.53 7.72
CA PRO C 36 -6.28 14.92 9.11
C PRO C 36 -5.70 13.82 10.00
N VAL C 37 -5.84 12.56 9.60
CA VAL C 37 -5.49 11.45 10.49
C VAL C 37 -4.03 11.05 10.26
N CYS C 38 -3.63 10.76 9.02
CA CYS C 38 -2.28 10.28 8.78
C CYS C 38 -1.34 11.45 8.47
N GLY C 39 -1.87 12.61 8.03
CA GLY C 39 -1.03 13.74 7.68
C GLY C 39 -0.59 13.81 6.22
N ASP C 40 -0.99 12.83 5.38
CA ASP C 40 -0.63 12.83 3.98
C ASP C 40 -1.35 13.97 3.25
N LEU C 41 -0.63 14.48 2.25
CA LEU C 41 -0.96 15.60 1.39
C LEU C 41 -1.25 15.09 -0.02
N MET C 42 -2.27 15.74 -0.57
CA MET C 42 -2.75 15.58 -1.93
C MET C 42 -2.76 16.91 -2.67
N GLU C 43 -2.09 16.91 -3.83
CA GLU C 43 -1.93 18.06 -4.71
C GLU C 43 -2.45 17.74 -6.11
N ILE C 44 -3.27 18.68 -6.59
CA ILE C 44 -3.84 18.67 -7.92
C ILE C 44 -3.55 19.99 -8.62
N PHE C 45 -3.15 19.78 -9.89
CA PHE C 45 -2.77 20.76 -10.88
C PHE C 45 -3.67 20.63 -12.12
N ILE C 46 -4.19 21.80 -12.53
CA ILE C 46 -5.02 21.93 -13.70
C ILE C 46 -4.50 23.01 -14.64
N LYS C 47 -4.62 22.61 -15.91
CA LYS C 47 -4.60 23.49 -17.05
C LYS C 47 -6.00 23.60 -17.67
N VAL C 48 -6.43 24.86 -17.83
CA VAL C 48 -7.77 25.19 -18.33
C VAL C 48 -7.68 25.75 -19.75
N GLY C 49 -8.37 25.12 -20.70
CA GLY C 49 -8.48 25.65 -22.05
C GLY C 49 -9.23 27.00 -22.02
N ASP C 50 -10.34 27.10 -22.77
CA ASP C 50 -11.20 28.26 -22.53
C ASP C 50 -12.01 28.02 -21.26
N GLU C 51 -12.73 26.88 -21.20
CA GLU C 51 -13.64 26.62 -20.08
C GLU C 51 -13.61 25.16 -19.63
N LYS C 52 -12.55 24.40 -19.99
CA LYS C 52 -12.51 22.97 -19.72
C LYS C 52 -11.17 22.60 -19.07
N ILE C 53 -11.16 21.45 -18.37
CA ILE C 53 -9.93 20.89 -17.84
C ILE C 53 -9.20 20.22 -19.00
N GLU C 54 -8.16 20.92 -19.48
CA GLU C 54 -7.35 20.51 -20.62
C GLU C 54 -6.30 19.50 -20.14
N ASP C 55 -5.65 19.79 -19.00
CA ASP C 55 -4.72 18.86 -18.41
C ASP C 55 -4.92 18.88 -16.90
N ILE C 56 -4.61 17.74 -16.35
CA ILE C 56 -4.73 17.56 -14.92
C ILE C 56 -3.64 16.60 -14.45
N LYS C 57 -2.98 16.97 -13.37
CA LYS C 57 -2.06 16.07 -12.69
C LYS C 57 -2.28 16.05 -11.16
N PHE C 58 -1.84 14.96 -10.53
CA PHE C 58 -1.81 14.87 -9.07
C PHE C 58 -0.48 14.29 -8.56
N ARG C 59 -0.12 14.68 -7.36
CA ARG C 59 0.98 14.02 -6.68
C ARG C 59 0.66 13.89 -5.19
N THR C 60 1.06 12.76 -4.65
CA THR C 60 0.78 12.48 -3.28
C THR C 60 1.80 11.45 -2.82
N PHE C 61 2.07 11.50 -1.53
CA PHE C 61 2.81 10.43 -0.87
C PHE C 61 1.89 9.55 -0.04
N GLY C 62 0.58 9.65 -0.25
CA GLY C 62 -0.34 8.89 0.62
C GLY C 62 -0.47 7.43 0.19
N CYS C 63 -1.53 6.76 0.66
CA CYS C 63 -1.62 5.30 0.62
C CYS C 63 -2.26 4.88 -0.70
N GLY C 64 -2.43 3.55 -0.87
CA GLY C 64 -2.96 3.02 -2.11
C GLY C 64 -4.36 3.55 -2.38
N ALA C 65 -5.15 3.69 -1.30
CA ALA C 65 -6.52 4.11 -1.51
C ALA C 65 -6.57 5.54 -2.06
N ALA C 66 -5.73 6.39 -1.48
CA ALA C 66 -5.68 7.78 -1.90
C ALA C 66 -5.23 7.86 -3.35
N ILE C 67 -4.24 7.03 -3.70
CA ILE C 67 -3.66 7.14 -5.03
C ILE C 67 -4.66 6.67 -6.08
N ALA C 68 -5.31 5.54 -5.82
CA ALA C 68 -6.23 5.00 -6.78
C ALA C 68 -7.40 5.94 -6.99
N THR C 69 -7.87 6.50 -5.84
CA THR C 69 -9.02 7.41 -5.97
C THR C 69 -8.61 8.64 -6.78
N SER C 70 -7.40 9.14 -6.54
CA SER C 70 -6.93 10.29 -7.31
C SER C 70 -6.86 10.00 -8.79
N SER C 71 -6.35 8.82 -9.11
CA SER C 71 -6.26 8.35 -10.49
C SER C 71 -7.62 8.38 -11.15
N MET C 72 -8.62 7.84 -10.42
CA MET C 72 -9.96 7.80 -10.91
C MET C 72 -10.55 9.20 -11.17
N ILE C 73 -10.40 10.03 -10.16
CA ILE C 73 -11.11 11.29 -10.18
C ILE C 73 -10.47 12.23 -11.19
N THR C 74 -9.16 12.21 -11.31
CA THR C 74 -8.52 13.06 -12.32
C THR C 74 -8.90 12.56 -13.70
N GLU C 75 -9.00 11.23 -13.90
CA GLU C 75 -9.43 10.69 -15.19
CA GLU C 75 -9.43 10.71 -15.19
C GLU C 75 -10.83 11.19 -15.54
N MET C 76 -11.71 11.18 -14.54
CA MET C 76 -13.07 11.64 -14.70
C MET C 76 -13.12 13.11 -15.10
N ALA C 77 -12.27 13.91 -14.44
CA ALA C 77 -12.31 15.34 -14.60
C ALA C 77 -11.68 15.78 -15.91
N ARG C 78 -10.77 15.01 -16.51
CA ARG C 78 -10.14 15.40 -17.76
C ARG C 78 -11.23 15.72 -18.78
N GLY C 79 -11.18 16.92 -19.36
CA GLY C 79 -12.06 17.23 -20.48
C GLY C 79 -13.43 17.78 -20.06
N LYS C 80 -13.72 17.78 -18.74
CA LYS C 80 -15.00 18.29 -18.26
C LYS C 80 -14.92 19.81 -18.12
N SER C 81 -16.10 20.45 -18.17
CA SER C 81 -16.23 21.86 -17.83
C SER C 81 -15.98 22.06 -16.34
N LEU C 82 -15.57 23.28 -15.97
CA LEU C 82 -15.33 23.59 -14.57
C LEU C 82 -16.56 23.29 -13.72
N GLU C 83 -17.74 23.58 -14.26
CA GLU C 83 -18.99 23.36 -13.55
C GLU C 83 -19.16 21.86 -13.28
N GLU C 84 -18.93 21.06 -14.30
CA GLU C 84 -19.07 19.62 -14.15
C GLU C 84 -18.06 19.08 -13.14
N ALA C 85 -16.85 19.63 -13.24
CA ALA C 85 -15.72 19.20 -12.42
C ALA C 85 -15.99 19.44 -10.94
N MET C 86 -16.56 20.62 -10.63
CA MET C 86 -16.90 21.01 -9.28
C MET C 86 -17.92 20.05 -8.69
N ARG C 87 -18.66 19.26 -9.48
CA ARG C 87 -19.74 18.43 -8.99
C ARG C 87 -19.22 17.02 -8.86
N ILE C 88 -17.97 16.75 -9.26
CA ILE C 88 -17.39 15.42 -9.09
C ILE C 88 -17.02 15.23 -7.63
N THR C 89 -17.47 14.12 -7.05
CA THR C 89 -17.19 13.75 -5.68
C THR C 89 -16.76 12.28 -5.64
N ARG C 90 -16.34 11.83 -4.46
CA ARG C 90 -15.93 10.45 -4.28
C ARG C 90 -17.07 9.48 -4.66
N ASN C 91 -18.32 9.97 -4.56
CA ASN C 91 -19.50 9.17 -4.82
C ASN C 91 -19.55 8.68 -6.26
N ASP C 92 -18.93 9.43 -7.17
CA ASP C 92 -18.91 9.06 -8.57
C ASP C 92 -18.13 7.76 -8.80
N VAL C 93 -17.36 7.30 -7.80
CA VAL C 93 -16.62 6.05 -7.90
C VAL C 93 -16.90 5.19 -6.67
N ALA C 94 -18.08 5.37 -6.06
CA ALA C 94 -18.48 4.66 -4.86
C ALA C 94 -18.35 3.16 -5.05
N ASP C 95 -18.58 2.67 -6.28
CA ASP C 95 -18.59 1.24 -6.58
C ASP C 95 -17.22 0.64 -6.37
N ALA C 96 -16.19 1.31 -6.94
CA ALA C 96 -14.80 0.93 -6.79
C ALA C 96 -14.37 0.91 -5.32
N LEU C 97 -14.89 1.85 -4.50
CA LEU C 97 -14.38 2.08 -3.16
C LEU C 97 -15.12 1.29 -2.08
N ASP C 98 -16.19 0.59 -2.47
CA ASP C 98 -17.07 -0.07 -1.53
C ASP C 98 -16.29 -1.19 -0.83
N GLY C 99 -16.47 -1.31 0.48
CA GLY C 99 -15.78 -2.35 1.24
C GLY C 99 -14.37 -1.98 1.70
N LEU C 100 -13.88 -0.77 1.35
CA LEU C 100 -12.55 -0.35 1.80
C LEU C 100 -12.57 -0.26 3.34
N PRO C 101 -11.45 -0.52 4.06
CA PRO C 101 -11.43 -0.24 5.50
C PRO C 101 -12.01 1.15 5.69
N PRO C 102 -12.81 1.40 6.73
CA PRO C 102 -13.46 2.69 6.93
C PRO C 102 -12.50 3.87 7.07
N GLN C 103 -11.28 3.62 7.54
CA GLN C 103 -10.23 4.63 7.67
C GLN C 103 -9.90 5.27 6.30
N LYS C 104 -10.19 4.55 5.22
CA LYS C 104 -9.80 4.98 3.90
C LYS C 104 -10.82 5.95 3.32
N MET C 105 -11.90 6.30 4.05
CA MET C 105 -12.85 7.31 3.57
C MET C 105 -12.12 8.65 3.38
N CYS C 106 -11.33 8.99 4.39
CA CYS C 106 -10.62 10.26 4.33
CA CYS C 106 -10.57 10.24 4.39
C CYS C 106 -9.60 10.25 3.20
N CYS C 107 -8.93 9.12 2.99
CA CYS C 107 -7.99 8.97 1.89
C CYS C 107 -8.69 9.23 0.56
N SER C 108 -9.89 8.64 0.41
CA SER C 108 -10.64 8.75 -0.81
C SER C 108 -11.15 10.17 -1.02
N ASN C 109 -11.42 10.89 0.04
CA ASN C 109 -11.93 12.24 -0.08
C ASN C 109 -10.83 13.17 -0.62
N LEU C 110 -9.56 12.77 -0.53
CA LEU C 110 -8.54 13.76 -0.81
C LEU C 110 -8.71 14.28 -2.25
N ALA C 111 -9.02 13.39 -3.17
CA ALA C 111 -8.80 13.69 -4.57
C ALA C 111 -9.76 14.79 -5.03
N ALA C 112 -11.04 14.50 -4.76
CA ALA C 112 -12.08 15.42 -5.17
C ALA C 112 -11.91 16.77 -4.48
N ASP C 113 -11.51 16.74 -3.18
CA ASP C 113 -11.28 17.96 -2.44
C ASP C 113 -10.20 18.81 -3.12
N ALA C 114 -9.12 18.13 -3.51
CA ALA C 114 -8.01 18.85 -4.10
C ALA C 114 -8.41 19.40 -5.46
N LEU C 115 -9.22 18.66 -6.22
CA LEU C 115 -9.75 19.11 -7.51
C LEU C 115 -10.52 20.42 -7.31
N HIS C 116 -11.40 20.38 -6.29
CA HIS C 116 -12.25 21.51 -5.96
C HIS C 116 -11.41 22.73 -5.66
N ALA C 117 -10.38 22.50 -4.85
CA ALA C 117 -9.48 23.57 -4.42
C ALA C 117 -8.79 24.19 -5.64
N ALA C 118 -8.33 23.33 -6.54
CA ALA C 118 -7.65 23.76 -7.75
C ALA C 118 -8.56 24.67 -8.57
N ILE C 119 -9.81 24.18 -8.71
CA ILE C 119 -10.76 24.91 -9.53
C ILE C 119 -11.02 26.29 -8.92
N ASN C 120 -11.15 26.31 -7.59
CA ASN C 120 -11.41 27.55 -6.87
C ASN C 120 -10.27 28.53 -7.07
N ASP C 121 -9.05 28.02 -7.00
CA ASP C 121 -7.82 28.79 -7.19
C ASP C 121 -7.85 29.45 -8.57
N TYR C 122 -8.20 28.62 -9.57
CA TYR C 122 -8.27 29.08 -10.95
C TYR C 122 -9.27 30.23 -11.09
N LEU C 123 -10.43 30.01 -10.47
CA LEU C 123 -11.52 30.99 -10.49
C LEU C 123 -11.06 32.33 -9.91
N SER C 124 -10.17 32.39 -8.91
CA SER C 124 -9.47 33.67 -8.84
C SER C 124 -8.37 33.76 -9.92
N MET D 1 10.29 28.08 8.25
CA MET D 1 9.51 27.41 9.29
C MET D 1 10.44 26.70 10.27
N ILE D 2 9.97 26.55 11.51
CA ILE D 2 10.67 25.83 12.57
C ILE D 2 10.22 24.37 12.50
N GLN D 3 11.10 23.45 12.93
CA GLN D 3 10.78 22.05 13.15
C GLN D 3 10.20 21.42 11.89
N GLN D 4 10.91 21.57 10.78
CA GLN D 4 10.45 21.12 9.49
C GLN D 4 10.51 19.59 9.43
N THR D 5 9.50 19.03 8.78
CA THR D 5 9.59 17.67 8.27
C THR D 5 9.28 17.67 6.78
N GLY D 6 9.71 16.60 6.11
CA GLY D 6 9.48 16.47 4.69
C GLY D 6 10.20 15.24 4.12
N TYR D 7 10.28 15.17 2.80
CA TYR D 7 10.69 13.96 2.09
C TYR D 7 12.04 14.18 1.40
N SER D 8 13.00 13.29 1.71
CA SER D 8 14.33 13.30 1.15
C SER D 8 14.34 12.74 -0.27
N LYS D 9 15.49 12.90 -0.94
CA LYS D 9 15.61 12.47 -2.33
C LYS D 9 15.68 10.95 -2.42
N LYS D 10 16.33 10.30 -1.46
CA LYS D 10 16.45 8.86 -1.47
C LYS D 10 15.06 8.21 -1.34
N VAL D 11 14.30 8.76 -0.39
CA VAL D 11 12.93 8.27 -0.15
C VAL D 11 12.10 8.45 -1.41
N MET D 12 12.24 9.61 -2.06
CA MET D 12 11.51 9.91 -3.28
C MET D 12 11.83 8.87 -4.37
N GLU D 13 13.11 8.56 -4.50
CA GLU D 13 13.60 7.57 -5.44
C GLU D 13 12.94 6.21 -5.19
N HIS D 14 12.96 5.85 -3.91
CA HIS D 14 12.41 4.57 -3.54
C HIS D 14 10.90 4.51 -3.83
N PHE D 15 10.19 5.61 -3.60
CA PHE D 15 8.78 5.73 -3.89
C PHE D 15 8.50 5.57 -5.39
N MET D 16 9.34 6.21 -6.17
CA MET D 16 9.06 6.27 -7.59
C MET D 16 9.44 4.95 -8.25
N ASN D 17 10.55 4.35 -7.81
CA ASN D 17 11.05 3.14 -8.42
C ASN D 17 11.34 2.12 -7.32
N PRO D 18 10.33 1.59 -6.63
CA PRO D 18 10.58 0.62 -5.57
C PRO D 18 11.13 -0.70 -6.10
N ARG D 19 12.10 -1.28 -5.37
CA ARG D 19 12.67 -2.58 -5.67
C ARG D 19 11.80 -3.67 -5.02
N ASN D 20 11.62 -4.80 -5.70
CA ASN D 20 11.15 -6.04 -5.09
C ASN D 20 9.68 -5.99 -4.70
N VAL D 21 8.87 -5.24 -5.44
CA VAL D 21 7.43 -5.26 -5.29
C VAL D 21 6.87 -6.53 -5.91
N GLY D 22 6.07 -7.26 -5.15
CA GLY D 22 5.27 -8.33 -5.70
C GLY D 22 5.10 -9.45 -4.70
N VAL D 23 4.98 -10.66 -5.21
CA VAL D 23 4.76 -11.86 -4.41
C VAL D 23 5.73 -12.94 -4.88
N ILE D 24 6.01 -13.90 -3.97
CA ILE D 24 6.62 -15.19 -4.34
C ILE D 24 5.65 -16.31 -3.97
N ASP D 25 5.20 -17.05 -4.98
CA ASP D 25 4.34 -18.23 -4.84
C ASP D 25 5.10 -19.33 -4.09
N ASP D 26 4.42 -19.88 -3.09
CA ASP D 26 4.99 -20.96 -2.30
C ASP D 26 6.34 -20.50 -1.72
N PRO D 27 6.35 -19.49 -0.85
CA PRO D 27 7.61 -18.95 -0.32
C PRO D 27 8.17 -19.79 0.82
N ASP D 28 9.47 -19.68 1.07
CA ASP D 28 10.08 -20.34 2.21
C ASP D 28 9.63 -19.66 3.49
N GLY D 29 9.55 -18.33 3.43
CA GLY D 29 9.14 -17.51 4.55
C GLY D 29 8.12 -16.49 4.09
N TYR D 30 7.09 -16.36 4.91
CA TYR D 30 6.03 -15.37 4.73
C TYR D 30 5.79 -14.61 6.03
N GLY D 31 5.82 -13.29 5.94
CA GLY D 31 5.59 -12.40 7.06
C GLY D 31 4.57 -11.33 6.71
N LYS D 32 3.63 -11.14 7.62
CA LYS D 32 2.63 -10.11 7.50
C LYS D 32 2.51 -9.34 8.81
N VAL D 33 2.66 -8.00 8.77
CA VAL D 33 2.37 -7.15 9.90
C VAL D 33 1.52 -5.98 9.44
N GLY D 34 0.98 -5.33 10.46
CA GLY D 34 0.00 -4.27 10.35
C GLY D 34 0.43 -3.02 11.12
N ASN D 35 0.05 -1.90 10.53
CA ASN D 35 0.35 -0.62 11.16
C ASN D 35 -0.77 -0.25 12.13
N PRO D 36 -0.51 -0.11 13.46
CA PRO D 36 -1.57 0.12 14.45
C PRO D 36 -2.40 1.38 14.23
N VAL D 37 -1.88 2.36 13.49
CA VAL D 37 -2.54 3.65 13.36
C VAL D 37 -3.47 3.64 12.14
N CYS D 38 -2.91 3.37 10.95
CA CYS D 38 -3.69 3.51 9.73
C CYS D 38 -4.40 2.21 9.36
N GLY D 39 -3.90 1.06 9.87
CA GLY D 39 -4.49 -0.23 9.55
C GLY D 39 -3.86 -0.92 8.31
N ASP D 40 -2.92 -0.28 7.61
CA ASP D 40 -2.27 -0.87 6.45
C ASP D 40 -1.42 -2.08 6.85
N LEU D 41 -1.43 -3.05 5.93
CA LEU D 41 -0.72 -4.30 5.96
C LEU D 41 0.52 -4.25 5.06
N MET D 42 1.53 -4.90 5.60
CA MET D 42 2.82 -5.17 4.96
C MET D 42 3.11 -6.66 4.99
N GLU D 43 3.39 -7.20 3.78
CA GLU D 43 3.71 -8.59 3.51
C GLU D 43 5.07 -8.70 2.82
N ILE D 44 5.86 -9.61 3.40
CA ILE D 44 7.16 -10.00 2.89
C ILE D 44 7.22 -11.51 2.69
N PHE D 45 7.80 -11.81 1.52
CA PHE D 45 8.06 -13.14 0.97
C PHE D 45 9.56 -13.31 0.71
N ILE D 46 10.04 -14.46 1.22
CA ILE D 46 11.43 -14.86 1.08
C ILE D 46 11.53 -16.26 0.51
N LYS D 47 12.53 -16.35 -0.36
CA LYS D 47 13.21 -17.58 -0.70
C LYS D 47 14.59 -17.63 -0.02
N VAL D 48 14.84 -18.76 0.64
CA VAL D 48 16.10 -19.00 1.37
C VAL D 48 16.93 -20.05 0.64
N GLY D 49 18.16 -19.71 0.26
CA GLY D 49 19.10 -20.67 -0.30
C GLY D 49 20.45 -20.53 0.37
N ASP D 50 20.96 -21.66 0.91
CA ASP D 50 22.28 -21.70 1.51
C ASP D 50 22.28 -20.80 2.75
N GLU D 51 21.21 -20.88 3.54
CA GLU D 51 20.97 -20.06 4.71
C GLU D 51 21.17 -18.56 4.43
N LYS D 52 20.75 -18.13 3.24
CA LYS D 52 20.75 -16.73 2.85
C LYS D 52 19.40 -16.36 2.26
N ILE D 53 19.10 -15.06 2.23
CA ILE D 53 17.95 -14.54 1.49
C ILE D 53 18.32 -14.53 0.00
N GLU D 54 17.77 -15.49 -0.72
CA GLU D 54 18.01 -15.70 -2.14
C GLU D 54 17.08 -14.78 -2.93
N ASP D 55 15.82 -14.71 -2.55
CA ASP D 55 14.88 -13.82 -3.19
C ASP D 55 13.95 -13.21 -2.14
N ILE D 56 13.49 -12.03 -2.46
CA ILE D 56 12.64 -11.32 -1.52
C ILE D 56 11.66 -10.46 -2.31
N LYS D 57 10.39 -10.49 -1.91
CA LYS D 57 9.42 -9.51 -2.39
C LYS D 57 8.58 -8.94 -1.24
N PHE D 58 7.97 -7.79 -1.51
CA PHE D 58 6.99 -7.20 -0.59
C PHE D 58 5.74 -6.67 -1.31
N ARG D 59 4.63 -6.65 -0.62
CA ARG D 59 3.47 -5.95 -1.13
C ARG D 59 2.72 -5.25 0.01
N THR D 60 2.23 -4.08 -0.32
CA THR D 60 1.51 -3.31 0.65
C THR D 60 0.58 -2.38 -0.09
N PHE D 61 -0.50 -2.06 0.60
CA PHE D 61 -1.33 -0.94 0.16
C PHE D 61 -1.07 0.36 0.92
N GLY D 62 -0.01 0.40 1.73
CA GLY D 62 0.25 1.56 2.55
C GLY D 62 0.96 2.69 1.79
N CYS D 63 1.52 3.66 2.56
CA CYS D 63 1.83 4.98 2.04
C CYS D 63 3.20 4.98 1.39
N GLY D 64 3.60 6.13 0.84
CA GLY D 64 4.89 6.33 0.21
C GLY D 64 6.03 5.96 1.15
N ALA D 65 5.89 6.35 2.41
CA ALA D 65 6.98 6.12 3.31
C ALA D 65 7.17 4.63 3.55
N ALA D 66 6.06 3.92 3.72
CA ALA D 66 6.11 2.47 3.94
C ALA D 66 6.72 1.80 2.72
N ILE D 67 6.36 2.28 1.53
CA ILE D 67 6.80 1.59 0.34
C ILE D 67 8.29 1.84 0.13
N ALA D 68 8.74 3.07 0.27
CA ALA D 68 10.15 3.37 0.05
C ALA D 68 11.02 2.62 1.06
N THR D 69 10.52 2.60 2.32
CA THR D 69 11.33 1.91 3.33
C THR D 69 11.39 0.42 3.01
N SER D 70 10.28 -0.15 2.55
CA SER D 70 10.29 -1.56 2.21
C SER D 70 11.24 -1.84 1.06
N SER D 71 11.24 -0.95 0.07
CA SER D 71 12.16 -1.03 -1.08
C SER D 71 13.60 -1.09 -0.58
N MET D 72 13.91 -0.18 0.35
CA MET D 72 15.25 -0.10 0.90
C MET D 72 15.63 -1.41 1.64
N ILE D 73 14.75 -1.81 2.51
CA ILE D 73 15.10 -2.87 3.44
C ILE D 73 15.17 -4.19 2.70
N THR D 74 14.28 -4.43 1.74
CA THR D 74 14.37 -5.68 0.99
C THR D 74 15.64 -5.68 0.15
N GLU D 75 16.03 -4.50 -0.41
CA GLU D 75 17.27 -4.41 -1.15
C GLU D 75 18.47 -4.80 -0.26
N MET D 76 18.44 -4.28 0.97
CA MET D 76 19.48 -4.51 1.93
C MET D 76 19.58 -6.00 2.26
N ALA D 77 18.41 -6.63 2.44
CA ALA D 77 18.34 -7.98 2.93
C ALA D 77 18.71 -8.98 1.86
N ARG D 78 18.57 -8.65 0.58
CA ARG D 78 18.92 -9.59 -0.48
C ARG D 78 20.36 -10.06 -0.27
N GLY D 79 20.57 -11.38 -0.20
CA GLY D 79 21.90 -11.94 -0.18
C GLY D 79 22.52 -12.03 1.23
N LYS D 80 21.86 -11.46 2.25
CA LYS D 80 22.34 -11.56 3.63
C LYS D 80 21.96 -12.90 4.22
N SER D 81 22.75 -13.34 5.22
CA SER D 81 22.42 -14.50 6.03
C SER D 81 21.20 -14.20 6.89
N LEU D 82 20.50 -15.27 7.30
CA LEU D 82 19.32 -15.12 8.14
C LEU D 82 19.65 -14.32 9.40
N GLU D 83 20.83 -14.59 9.96
CA GLU D 83 21.24 -13.93 11.19
C GLU D 83 21.40 -12.43 10.93
N GLU D 84 22.05 -12.09 9.82
CA GLU D 84 22.24 -10.68 9.49
C GLU D 84 20.89 -9.99 9.25
N ALA D 85 20.02 -10.73 8.56
CA ALA D 85 18.71 -10.22 8.17
C ALA D 85 17.85 -9.89 9.39
N MET D 86 17.90 -10.77 10.40
CA MET D 86 17.18 -10.60 11.64
C MET D 86 17.63 -9.33 12.36
N ARG D 87 18.80 -8.76 12.06
CA ARG D 87 19.34 -7.64 12.79
C ARG D 87 19.07 -6.38 12.00
N ILE D 88 18.50 -6.49 10.80
CA ILE D 88 18.18 -5.30 10.02
C ILE D 88 16.94 -4.63 10.62
N THR D 89 17.06 -3.31 10.88
CA THR D 89 15.92 -2.51 11.30
C THR D 89 15.88 -1.22 10.48
N ARG D 90 14.88 -0.37 10.74
CA ARG D 90 14.76 0.90 10.03
C ARG D 90 15.99 1.79 10.26
N ASN D 91 16.73 1.55 11.35
CA ASN D 91 17.92 2.34 11.67
C ASN D 91 19.00 2.18 10.61
N ASP D 92 19.01 1.05 9.90
CA ASP D 92 20.00 0.79 8.88
C ASP D 92 19.83 1.73 7.69
N VAL D 93 18.69 2.45 7.62
CA VAL D 93 18.46 3.44 6.57
C VAL D 93 18.03 4.76 7.20
N ALA D 94 18.51 5.02 8.43
CA ALA D 94 18.14 6.22 9.18
C ALA D 94 18.45 7.48 8.38
N ASP D 95 19.50 7.43 7.54
CA ASP D 95 19.93 8.60 6.78
C ASP D 95 18.87 9.01 5.78
N ALA D 96 18.37 8.03 5.03
CA ALA D 96 17.30 8.22 4.06
C ALA D 96 16.02 8.76 4.73
N LEU D 97 15.71 8.30 5.94
CA LEU D 97 14.41 8.53 6.57
C LEU D 97 14.41 9.77 7.46
N ASP D 98 15.56 10.41 7.62
CA ASP D 98 15.72 11.57 8.49
C ASP D 98 14.81 12.70 7.98
N GLY D 99 14.13 13.34 8.94
CA GLY D 99 13.26 14.45 8.61
C GLY D 99 11.85 14.04 8.19
N LEU D 100 11.55 12.72 8.05
CA LEU D 100 10.22 12.31 7.64
C LEU D 100 9.23 12.75 8.71
N PRO D 101 7.95 13.08 8.41
CA PRO D 101 6.98 13.30 9.49
C PRO D 101 7.13 12.14 10.45
N PRO D 102 7.16 12.38 11.79
CA PRO D 102 7.45 11.32 12.75
C PRO D 102 6.35 10.25 12.76
N GLN D 103 5.14 10.55 12.30
CA GLN D 103 4.13 9.49 12.23
C GLN D 103 4.49 8.39 11.20
N LYS D 104 5.48 8.66 10.34
CA LYS D 104 5.89 7.66 9.40
C LYS D 104 6.89 6.71 10.04
N MET D 105 7.22 6.82 11.33
CA MET D 105 8.05 5.82 11.99
C MET D 105 7.36 4.46 11.97
N CYS D 106 6.08 4.44 12.27
CA CYS D 106 5.32 3.20 12.25
C CYS D 106 5.33 2.58 10.83
N CYS D 107 5.14 3.45 9.83
CA CYS D 107 5.17 3.02 8.43
C CYS D 107 6.51 2.36 8.10
N SER D 108 7.61 3.00 8.55
CA SER D 108 8.94 2.56 8.29
C SER D 108 9.24 1.26 8.99
N ASN D 109 8.63 1.03 10.16
CA ASN D 109 8.91 -0.18 10.91
C ASN D 109 8.25 -1.34 10.17
N LEU D 110 7.29 -1.11 9.26
CA LEU D 110 6.55 -2.28 8.76
C LEU D 110 7.55 -3.22 8.08
N ALA D 111 8.52 -2.69 7.36
CA ALA D 111 9.33 -3.47 6.45
C ALA D 111 10.13 -4.53 7.23
N ALA D 112 10.90 -3.98 8.15
CA ALA D 112 11.80 -4.80 8.93
C ALA D 112 11.03 -5.80 9.75
N ASP D 113 9.86 -5.37 10.30
CA ASP D 113 9.06 -6.28 11.11
C ASP D 113 8.58 -7.45 10.25
N ALA D 114 8.16 -7.13 9.03
CA ALA D 114 7.64 -8.18 8.16
C ALA D 114 8.76 -9.12 7.77
N LEU D 115 9.97 -8.59 7.53
CA LEU D 115 11.16 -9.40 7.23
C LEU D 115 11.39 -10.40 8.36
N HIS D 116 11.35 -9.86 9.58
CA HIS D 116 11.59 -10.65 10.78
C HIS D 116 10.59 -11.78 10.86
N ALA D 117 9.33 -11.43 10.63
CA ALA D 117 8.22 -12.39 10.69
C ALA D 117 8.44 -13.50 9.68
N ALA D 118 8.85 -13.12 8.46
CA ALA D 118 9.11 -14.06 7.38
C ALA D 118 10.17 -15.07 7.80
N ILE D 119 11.25 -14.48 8.36
CA ILE D 119 12.40 -15.30 8.74
C ILE D 119 11.95 -16.30 9.83
N ASN D 120 11.16 -15.81 10.78
CA ASN D 120 10.66 -16.63 11.89
C ASN D 120 9.82 -17.76 11.36
N ASP D 121 8.97 -17.46 10.39
CA ASP D 121 8.09 -18.44 9.72
C ASP D 121 8.94 -19.55 9.13
N TYR D 122 9.98 -19.11 8.41
CA TYR D 122 10.87 -20.04 7.74
C TYR D 122 11.53 -20.99 8.77
N LEU D 123 11.99 -20.37 9.86
CA LEU D 123 12.64 -21.10 10.93
C LEU D 123 11.69 -22.15 11.53
N SER D 124 10.45 -21.73 11.75
CA SER D 124 9.52 -22.63 12.36
C SER D 124 9.19 -23.79 11.40
N LYS D 125 9.12 -23.50 10.09
CA LYS D 125 8.91 -24.54 9.08
C LYS D 125 10.05 -25.56 9.12
N LYS D 126 11.28 -25.04 9.24
CA LYS D 126 12.48 -25.85 9.33
C LYS D 126 12.40 -26.80 10.53
N GLN D 127 11.60 -26.52 11.56
CA GLN D 127 11.55 -27.30 12.79
C GLN D 127 10.10 -27.66 13.12
N MET E 1 -13.11 -9.36 -2.70
CA MET E 1 -12.17 -8.31 -2.24
C MET E 1 -10.79 -8.94 -2.06
N ILE E 2 -9.76 -8.12 -2.30
CA ILE E 2 -8.37 -8.48 -2.04
C ILE E 2 -8.07 -8.11 -0.59
N GLN E 3 -7.23 -8.94 0.06
CA GLN E 3 -6.74 -8.75 1.43
C GLN E 3 -7.91 -8.49 2.39
N GLN E 4 -8.84 -9.43 2.42
CA GLN E 4 -9.98 -9.35 3.31
C GLN E 4 -9.55 -9.51 4.76
N THR E 5 -10.03 -8.62 5.62
CA THR E 5 -9.88 -8.77 7.06
C THR E 5 -11.26 -8.61 7.67
N GLY E 6 -11.40 -9.09 8.91
CA GLY E 6 -12.70 -9.09 9.55
C GLY E 6 -12.67 -9.98 10.79
N TYR E 7 -13.85 -10.44 11.21
CA TYR E 7 -13.98 -11.09 12.50
C TYR E 7 -14.37 -12.56 12.33
N SER E 8 -13.54 -13.44 12.90
CA SER E 8 -13.70 -14.89 12.80
C SER E 8 -14.74 -15.35 13.81
N LYS E 9 -15.09 -16.64 13.78
CA LYS E 9 -16.16 -17.13 14.64
C LYS E 9 -15.69 -17.21 16.10
N LYS E 10 -14.45 -17.63 16.31
CA LYS E 10 -13.92 -17.76 17.65
C LYS E 10 -13.87 -16.40 18.34
N VAL E 11 -13.36 -15.43 17.57
CA VAL E 11 -13.24 -14.06 18.09
C VAL E 11 -14.63 -13.52 18.42
N MET E 12 -15.60 -13.79 17.54
CA MET E 12 -16.98 -13.37 17.74
C MET E 12 -17.55 -13.94 19.03
N GLU E 13 -17.28 -15.22 19.26
CA GLU E 13 -17.71 -15.92 20.45
C GLU E 13 -17.15 -15.25 21.70
N HIS E 14 -15.85 -14.97 21.61
CA HIS E 14 -15.17 -14.37 22.74
C HIS E 14 -15.75 -12.99 23.04
N PHE E 15 -16.07 -12.22 21.99
CA PHE E 15 -16.68 -10.92 22.11
C PHE E 15 -18.04 -11.00 22.79
N MET E 16 -18.80 -11.98 22.36
CA MET E 16 -20.18 -12.04 22.80
C MET E 16 -20.27 -12.60 24.21
N ASN E 17 -19.44 -13.58 24.51
CA ASN E 17 -19.48 -14.22 25.81
C ASN E 17 -18.08 -14.26 26.39
N PRO E 18 -17.47 -13.12 26.77
CA PRO E 18 -16.11 -13.14 27.30
C PRO E 18 -16.04 -13.82 28.67
N ARG E 19 -14.98 -14.61 28.86
CA ARG E 19 -14.71 -15.26 30.14
C ARG E 19 -13.92 -14.30 31.05
N ASN E 20 -14.21 -14.35 32.36
CA ASN E 20 -13.37 -13.74 33.38
C ASN E 20 -13.41 -12.22 33.36
N VAL E 21 -14.55 -11.65 32.96
CA VAL E 21 -14.80 -10.22 33.08
C VAL E 21 -15.06 -9.86 34.54
N GLY E 22 -14.37 -8.84 35.01
CA GLY E 22 -14.74 -8.19 36.24
C GLY E 22 -13.50 -7.70 36.97
N VAL E 23 -13.63 -7.70 38.30
CA VAL E 23 -12.59 -7.23 39.20
C VAL E 23 -12.41 -8.27 40.31
N ILE E 24 -11.21 -8.25 40.94
CA ILE E 24 -10.94 -8.91 42.21
C ILE E 24 -10.54 -7.86 43.27
N ASP E 25 -11.35 -7.73 44.35
CA ASP E 25 -11.04 -6.79 45.42
C ASP E 25 -9.81 -7.26 46.20
N ASP E 26 -8.90 -6.30 46.42
CA ASP E 26 -7.68 -6.58 47.13
C ASP E 26 -6.96 -7.77 46.48
N PRO E 27 -6.51 -7.61 45.21
CA PRO E 27 -5.94 -8.73 44.46
C PRO E 27 -4.49 -9.00 44.82
N ASP E 28 -4.01 -10.23 44.55
CA ASP E 28 -2.61 -10.55 44.79
C ASP E 28 -1.76 -9.82 43.77
N GLY E 29 -2.24 -9.75 42.53
CA GLY E 29 -1.57 -9.08 41.44
C GLY E 29 -2.55 -8.20 40.68
N TYR E 30 -2.08 -6.99 40.39
CA TYR E 30 -2.82 -6.02 39.59
C TYR E 30 -1.93 -5.44 38.50
N GLY E 31 -2.42 -5.50 37.25
CA GLY E 31 -1.74 -4.96 36.08
C GLY E 31 -2.72 -4.07 35.30
N LYS E 32 -2.26 -2.87 34.96
CA LYS E 32 -2.98 -1.97 34.06
C LYS E 32 -2.06 -1.47 32.96
N VAL E 33 -2.44 -1.69 31.69
CA VAL E 33 -1.75 -1.12 30.55
C VAL E 33 -2.74 -0.46 29.62
N GLY E 34 -2.16 0.35 28.73
CA GLY E 34 -2.87 1.25 27.86
C GLY E 34 -2.49 1.07 26.39
N ASN E 35 -3.49 1.26 25.55
CA ASN E 35 -3.22 1.26 24.13
C ASN E 35 -2.88 2.69 23.69
N PRO E 36 -1.64 2.98 23.19
CA PRO E 36 -1.25 4.37 22.98
C PRO E 36 -2.02 5.08 21.88
N VAL E 37 -2.73 4.35 21.02
CA VAL E 37 -3.40 4.95 19.88
C VAL E 37 -4.81 5.39 20.26
N CYS E 38 -5.63 4.46 20.77
CA CYS E 38 -7.01 4.79 21.04
C CYS E 38 -7.19 5.34 22.47
N GLY E 39 -6.24 5.03 23.38
CA GLY E 39 -6.31 5.49 24.76
C GLY E 39 -7.02 4.50 25.70
N ASP E 40 -7.52 3.36 25.18
CA ASP E 40 -8.17 2.37 26.02
C ASP E 40 -7.17 1.70 26.98
N LEU E 41 -7.72 1.36 28.14
CA LEU E 41 -7.06 0.71 29.25
C LEU E 41 -7.55 -0.71 29.40
N MET E 42 -6.56 -1.55 29.73
CA MET E 42 -6.72 -2.95 30.07
C MET E 42 -6.12 -3.23 31.46
N GLU E 43 -6.99 -3.82 32.31
CA GLU E 43 -6.71 -4.18 33.69
C GLU E 43 -6.94 -5.67 33.91
N ILE E 44 -5.90 -6.26 34.55
CA ILE E 44 -5.91 -7.64 34.96
C ILE E 44 -5.58 -7.76 36.45
N PHE E 45 -6.42 -8.62 37.06
CA PHE E 45 -6.44 -9.01 38.46
C PHE E 45 -6.25 -10.52 38.58
N ILE E 46 -5.30 -10.85 39.48
CA ILE E 46 -4.98 -12.22 39.81
C ILE E 46 -5.04 -12.45 41.33
N LYS E 47 -5.58 -13.63 41.58
CA LYS E 47 -5.45 -14.35 42.83
C LYS E 47 -4.54 -15.56 42.65
N VAL E 48 -3.53 -15.62 43.54
CA VAL E 48 -2.48 -16.64 43.46
C VAL E 48 -2.63 -17.65 44.61
N GLY E 49 -2.80 -18.93 44.28
CA GLY E 49 -2.82 -20.00 45.27
C GLY E 49 -1.89 -21.13 44.85
N ASP E 50 -0.95 -21.47 45.74
CA ASP E 50 -0.02 -22.55 45.49
C ASP E 50 0.85 -22.21 44.26
N GLU E 51 1.30 -20.95 44.20
CA GLU E 51 2.13 -20.45 43.11
C GLU E 51 1.50 -20.70 41.73
N LYS E 52 0.17 -20.63 41.71
CA LYS E 52 -0.60 -20.74 40.48
C LYS E 52 -1.60 -19.58 40.41
N ILE E 53 -2.05 -19.28 39.19
CA ILE E 53 -3.16 -18.36 38.99
C ILE E 53 -4.45 -19.11 39.32
N GLU E 54 -4.98 -18.81 40.51
CA GLU E 54 -6.18 -19.42 41.05
C GLU E 54 -7.41 -18.72 40.46
N ASP E 55 -7.37 -17.38 40.42
CA ASP E 55 -8.42 -16.63 39.81
C ASP E 55 -7.83 -15.48 39.02
N ILE E 56 -8.56 -15.14 38.00
CA ILE E 56 -8.15 -14.08 37.13
C ILE E 56 -9.37 -13.35 36.60
N LYS E 57 -9.31 -12.02 36.64
CA LYS E 57 -10.29 -11.18 35.97
C LYS E 57 -9.66 -10.09 35.12
N PHE E 58 -10.43 -9.60 34.14
CA PHE E 58 -10.05 -8.44 33.37
C PHE E 58 -11.20 -7.45 33.21
N ARG E 59 -10.83 -6.20 33.09
CA ARG E 59 -11.78 -5.13 32.84
C ARG E 59 -11.22 -4.17 31.81
N THR E 60 -12.06 -3.82 30.86
CA THR E 60 -11.60 -2.94 29.82
C THR E 60 -12.82 -2.31 29.21
N PHE E 61 -12.62 -1.07 28.77
CA PHE E 61 -13.63 -0.46 27.90
C PHE E 61 -13.20 -0.44 26.45
N GLY E 62 -12.22 -1.26 26.08
CA GLY E 62 -11.71 -1.22 24.72
C GLY E 62 -12.58 -1.98 23.72
N CYS E 63 -12.00 -2.30 22.54
CA CYS E 63 -12.77 -2.74 21.39
C CYS E 63 -12.99 -4.26 21.45
N GLY E 64 -13.76 -4.78 20.48
CA GLY E 64 -14.08 -6.20 20.44
C GLY E 64 -12.82 -7.06 20.39
N ALA E 65 -11.81 -6.59 19.64
CA ALA E 65 -10.64 -7.40 19.48
C ALA E 65 -9.92 -7.55 20.82
N ALA E 66 -9.80 -6.42 21.54
CA ALA E 66 -9.14 -6.41 22.84
C ALA E 66 -9.90 -7.33 23.79
N ILE E 67 -11.23 -7.28 23.73
CA ILE E 67 -12.01 -8.02 24.70
C ILE E 67 -11.91 -9.52 24.44
N ALA E 68 -12.05 -9.92 23.20
CA ALA E 68 -12.01 -11.32 22.86
C ALA E 68 -10.63 -11.90 23.20
N THR E 69 -9.59 -11.09 22.85
CA THR E 69 -8.25 -11.61 23.14
C THR E 69 -8.05 -11.73 24.65
N SER E 70 -8.57 -10.78 25.42
CA SER E 70 -8.47 -10.87 26.87
C SER E 70 -9.15 -12.11 27.41
N SER E 71 -10.34 -12.38 26.87
CA SER E 71 -11.11 -13.56 27.22
C SER E 71 -10.27 -14.83 27.01
N MET E 72 -9.64 -14.88 25.83
CA MET E 72 -8.79 -16.01 25.49
C MET E 72 -7.60 -16.17 26.46
N ILE E 73 -6.91 -15.06 26.66
CA ILE E 73 -5.63 -15.12 27.36
C ILE E 73 -5.88 -15.40 28.83
N THR E 74 -6.91 -14.82 29.41
CA THR E 74 -7.19 -15.10 30.83
C THR E 74 -7.63 -16.55 30.96
N GLU E 75 -8.39 -17.09 29.99
CA GLU E 75 -8.76 -18.51 30.02
C GLU E 75 -7.50 -19.40 30.03
N MET E 76 -6.56 -19.03 29.17
CA MET E 76 -5.31 -19.74 29.05
C MET E 76 -4.52 -19.72 30.36
N ALA E 77 -4.50 -18.55 31.00
CA ALA E 77 -3.69 -18.33 32.17
C ALA E 77 -4.27 -18.98 33.40
N ARG E 78 -5.58 -19.23 33.46
CA ARG E 78 -6.18 -19.86 34.62
C ARG E 78 -5.43 -21.16 34.92
N GLY E 79 -4.95 -21.31 36.16
CA GLY E 79 -4.38 -22.57 36.61
C GLY E 79 -2.91 -22.77 36.25
N LYS E 80 -2.31 -21.82 35.50
CA LYS E 80 -0.90 -21.94 35.16
C LYS E 80 -0.05 -21.43 36.32
N SER E 81 1.19 -21.94 36.39
CA SER E 81 2.20 -21.42 37.28
C SER E 81 2.62 -20.02 36.81
N LEU E 82 3.16 -19.24 37.73
CA LEU E 82 3.61 -17.89 37.40
C LEU E 82 4.60 -17.88 36.23
N GLU E 83 5.48 -18.87 36.25
CA GLU E 83 6.51 -18.98 35.22
C GLU E 83 5.84 -19.23 33.85
N GLU E 84 4.88 -20.15 33.84
CA GLU E 84 4.19 -20.45 32.60
C GLU E 84 3.41 -19.23 32.09
N ALA E 85 2.79 -18.57 33.06
CA ALA E 85 1.91 -17.43 32.79
C ALA E 85 2.68 -16.28 32.15
N MET E 86 3.90 -16.03 32.66
CA MET E 86 4.76 -14.99 32.16
C MET E 86 5.13 -15.24 30.71
N ARG E 87 4.99 -16.48 30.19
CA ARG E 87 5.43 -16.79 28.85
C ARG E 87 4.23 -16.76 27.91
N ILE E 88 3.02 -16.56 28.43
CA ILE E 88 1.85 -16.50 27.57
C ILE E 88 1.82 -15.16 26.83
N THR E 89 1.69 -15.19 25.51
CA THR E 89 1.56 -13.97 24.71
C THR E 89 0.42 -14.13 23.71
N ARG E 90 0.14 -13.07 22.95
CA ARG E 90 -0.91 -13.11 21.95
C ARG E 90 -0.62 -14.20 20.91
N ASN E 91 0.64 -14.58 20.74
CA ASN E 91 1.02 -15.58 19.75
C ASN E 91 0.39 -16.94 20.06
N ASP E 92 0.10 -17.20 21.32
CA ASP E 92 -0.50 -18.46 21.73
C ASP E 92 -1.93 -18.58 21.21
N VAL E 93 -2.51 -17.51 20.68
CA VAL E 93 -3.84 -17.56 20.08
C VAL E 93 -3.81 -16.93 18.69
N ALA E 94 -2.64 -16.98 18.04
CA ALA E 94 -2.44 -16.36 16.73
C ALA E 94 -3.49 -16.85 15.71
N ASP E 95 -3.89 -18.11 15.86
CA ASP E 95 -4.79 -18.77 14.93
C ASP E 95 -6.17 -18.11 14.97
N ALA E 96 -6.69 -17.92 16.18
CA ALA E 96 -7.95 -17.23 16.41
C ALA E 96 -7.94 -15.80 15.84
N LEU E 97 -6.80 -15.10 15.92
CA LEU E 97 -6.73 -13.67 15.65
C LEU E 97 -6.32 -13.37 14.21
N ASP E 98 -6.02 -14.42 13.43
CA ASP E 98 -5.61 -14.27 12.04
C ASP E 98 -6.77 -13.64 11.28
N GLY E 99 -6.44 -12.70 10.38
CA GLY E 99 -7.48 -12.04 9.62
C GLY E 99 -8.15 -10.84 10.31
N LEU E 100 -7.78 -10.55 11.57
CA LEU E 100 -8.31 -9.36 12.26
C LEU E 100 -7.91 -8.11 11.50
N PRO E 101 -8.71 -7.03 11.47
CA PRO E 101 -8.23 -5.76 10.92
C PRO E 101 -6.83 -5.52 11.45
N PRO E 102 -5.87 -5.11 10.60
CA PRO E 102 -4.47 -5.05 11.03
C PRO E 102 -4.22 -4.07 12.17
N GLN E 103 -5.08 -3.05 12.35
CA GLN E 103 -4.90 -2.14 13.47
C GLN E 103 -5.04 -2.84 14.83
N LYS E 104 -5.60 -4.06 14.87
CA LYS E 104 -6.02 -4.61 16.15
C LYS E 104 -4.89 -5.38 16.83
N MET E 105 -3.68 -5.36 16.29
CA MET E 105 -2.55 -6.04 16.92
C MET E 105 -2.27 -5.45 18.29
N CYS E 106 -2.28 -4.11 18.36
N CYS E 106 -2.26 -4.12 18.37
CA CYS E 106 -2.04 -3.43 19.61
CA CYS E 106 -2.03 -3.46 19.63
C CYS E 106 -3.13 -3.79 20.62
C CYS E 106 -3.12 -3.81 20.63
N CYS E 107 -4.37 -3.83 20.16
CA CYS E 107 -5.50 -4.19 21.00
C CYS E 107 -5.29 -5.59 21.60
N SER E 108 -4.85 -6.52 20.74
CA SER E 108 -4.64 -7.89 21.14
C SER E 108 -3.48 -8.03 22.11
N ASN E 109 -2.48 -7.14 22.00
CA ASN E 109 -1.35 -7.22 22.90
C ASN E 109 -1.76 -6.81 24.32
N LEU E 110 -2.89 -6.10 24.48
CA LEU E 110 -3.12 -5.49 25.77
C LEU E 110 -3.14 -6.59 26.84
N ALA E 111 -3.81 -7.69 26.52
CA ALA E 111 -4.21 -8.67 27.52
C ALA E 111 -2.97 -9.26 28.21
N ALA E 112 -2.13 -9.80 27.32
CA ALA E 112 -0.92 -10.47 27.79
C ALA E 112 -0.02 -9.52 28.57
N ASP E 113 0.07 -8.26 28.07
CA ASP E 113 0.86 -7.24 28.74
C ASP E 113 0.37 -7.04 30.17
N ALA E 114 -0.95 -6.92 30.27
CA ALA E 114 -1.56 -6.64 31.57
C ALA E 114 -1.34 -7.82 32.51
N LEU E 115 -1.44 -9.05 31.98
CA LEU E 115 -1.19 -10.28 32.74
C LEU E 115 0.21 -10.22 33.33
N HIS E 116 1.16 -9.87 32.45
CA HIS E 116 2.57 -9.81 32.81
C HIS E 116 2.77 -8.82 33.94
N ALA E 117 2.14 -7.65 33.79
CA ALA E 117 2.23 -6.58 34.77
C ALA E 117 1.72 -7.05 36.12
N ALA E 118 0.58 -7.75 36.09
CA ALA E 118 -0.04 -8.28 37.29
C ALA E 118 0.90 -9.21 38.03
N ILE E 119 1.50 -10.11 37.21
CA ILE E 119 2.38 -11.11 37.77
C ILE E 119 3.58 -10.42 38.43
N ASN E 120 4.11 -9.40 37.74
CA ASN E 120 5.26 -8.66 38.24
C ASN E 120 4.93 -7.99 39.55
N ASP E 121 3.73 -7.40 39.63
CA ASP E 121 3.23 -6.73 40.83
C ASP E 121 3.23 -7.71 42.00
N TYR E 122 2.67 -8.91 41.70
CA TYR E 122 2.57 -9.96 42.70
C TYR E 122 3.95 -10.32 43.26
N LEU E 123 4.87 -10.49 42.30
CA LEU E 123 6.23 -10.87 42.63
C LEU E 123 6.89 -9.82 43.52
N SER E 124 6.68 -8.57 43.16
CA SER E 124 7.32 -7.51 43.90
C SER E 124 6.72 -7.44 45.31
N LYS E 125 5.41 -7.68 45.44
CA LYS E 125 4.76 -7.71 46.75
C LYS E 125 5.36 -8.80 47.62
N LYS E 126 5.58 -9.98 46.99
CA LYS E 126 6.16 -11.13 47.65
C LYS E 126 7.56 -10.77 48.20
N GLN E 127 8.32 -10.16 47.31
CA GLN E 127 9.72 -9.99 47.63
C GLN E 127 9.87 -8.92 48.71
N LYS E 128 9.05 -7.87 48.63
CA LYS E 128 9.15 -6.83 49.67
C LYS E 128 8.63 -7.41 50.98
N HIS E 129 7.58 -8.22 50.94
CA HIS E 129 7.15 -8.89 52.15
C HIS E 129 8.22 -9.92 52.50
N LEU E 130 8.70 -9.94 53.75
CA LEU E 130 9.87 -10.77 54.05
C LEU E 130 9.91 -11.02 55.57
N MET F 1 -7.78 14.65 40.99
CA MET F 1 -7.00 15.19 39.87
C MET F 1 -7.89 16.05 38.96
N ILE F 2 -7.23 16.79 38.05
CA ILE F 2 -7.87 17.79 37.21
C ILE F 2 -8.37 17.08 35.95
N GLN F 3 -9.51 17.54 35.42
CA GLN F 3 -10.11 17.07 34.19
C GLN F 3 -10.26 15.55 34.20
N GLN F 4 -10.91 15.01 35.23
CA GLN F 4 -11.13 13.57 35.33
C GLN F 4 -12.12 13.12 34.27
N THR F 5 -11.78 12.08 33.53
CA THR F 5 -12.66 11.46 32.56
C THR F 5 -12.56 9.96 32.78
N GLY F 6 -13.59 9.24 32.33
CA GLY F 6 -13.68 7.83 32.66
C GLY F 6 -15.09 7.32 32.36
N TYR F 7 -15.47 6.25 33.06
CA TYR F 7 -16.70 5.55 32.72
C TYR F 7 -17.70 5.69 33.87
N SER F 8 -18.89 6.24 33.54
CA SER F 8 -19.95 6.45 34.53
C SER F 8 -20.69 5.14 34.78
N LYS F 9 -21.63 5.11 35.72
CA LYS F 9 -22.31 3.86 36.05
C LYS F 9 -23.31 3.49 34.95
N LYS F 10 -24.00 4.47 34.40
CA LYS F 10 -24.98 4.22 33.36
C LYS F 10 -24.29 3.62 32.12
N VAL F 11 -23.18 4.29 31.76
CA VAL F 11 -22.41 3.87 30.58
C VAL F 11 -21.90 2.45 30.81
N MET F 12 -21.43 2.16 32.03
CA MET F 12 -20.92 0.83 32.40
C MET F 12 -22.01 -0.21 32.22
N GLU F 13 -23.22 0.12 32.68
CA GLU F 13 -24.38 -0.74 32.55
C GLU F 13 -24.67 -1.07 31.08
N HIS F 14 -24.65 0.00 30.29
CA HIS F 14 -24.92 -0.15 28.88
C HIS F 14 -23.87 -1.07 28.21
N PHE F 15 -22.60 -0.91 28.62
CA PHE F 15 -21.50 -1.73 28.13
C PHE F 15 -21.71 -3.20 28.48
N MET F 16 -22.11 -3.39 29.72
CA MET F 16 -22.12 -4.76 30.23
C MET F 16 -23.34 -5.49 29.72
N ASN F 17 -24.47 -4.78 29.63
CA ASN F 17 -25.73 -5.40 29.27
C ASN F 17 -26.38 -4.56 28.18
N PRO F 18 -25.79 -4.49 26.97
CA PRO F 18 -26.36 -3.68 25.90
C PRO F 18 -27.70 -4.22 25.41
N ARG F 19 -28.61 -3.28 25.12
CA ARG F 19 -29.91 -3.60 24.53
C ARG F 19 -29.80 -3.69 23.01
N ASN F 20 -30.51 -4.67 22.41
CA ASN F 20 -30.73 -4.72 20.98
C ASN F 20 -29.46 -5.07 20.19
N VAL F 21 -28.58 -5.88 20.79
CA VAL F 21 -27.45 -6.43 20.05
C VAL F 21 -27.93 -7.54 19.13
N GLY F 22 -27.52 -7.46 17.86
CA GLY F 22 -27.63 -8.59 16.98
C GLY F 22 -27.84 -8.11 15.57
N VAL F 23 -28.57 -8.94 14.83
CA VAL F 23 -28.89 -8.72 13.42
C VAL F 23 -30.38 -8.97 13.23
N ILE F 24 -30.93 -8.37 12.15
CA ILE F 24 -32.25 -8.71 11.60
C ILE F 24 -32.10 -9.20 10.14
N ASP F 25 -32.48 -10.46 9.89
CA ASP F 25 -32.39 -11.05 8.56
C ASP F 25 -33.39 -10.36 7.63
N ASP F 26 -32.88 -9.97 6.45
CA ASP F 26 -33.71 -9.32 5.46
C ASP F 26 -34.41 -8.10 6.08
N PRO F 27 -33.65 -7.08 6.51
CA PRO F 27 -34.21 -5.95 7.26
C PRO F 27 -34.88 -4.93 6.33
N ASP F 28 -35.80 -4.13 6.88
CA ASP F 28 -36.44 -3.08 6.11
C ASP F 28 -35.41 -1.98 5.83
N GLY F 29 -34.59 -1.69 6.83
CA GLY F 29 -33.55 -0.69 6.74
C GLY F 29 -32.24 -1.24 7.29
N TYR F 30 -31.19 -0.96 6.54
CA TYR F 30 -29.82 -1.31 6.93
C TYR F 30 -28.89 -0.13 6.78
N GLY F 31 -28.16 0.18 7.85
CA GLY F 31 -27.22 1.27 7.89
C GLY F 31 -25.87 0.81 8.46
N LYS F 32 -24.80 1.13 7.74
CA LYS F 32 -23.46 0.86 8.20
C LYS F 32 -22.59 2.11 8.09
N VAL F 33 -21.98 2.53 9.20
CA VAL F 33 -21.01 3.60 9.19
C VAL F 33 -19.76 3.16 9.96
N GLY F 34 -18.72 3.95 9.72
CA GLY F 34 -17.37 3.69 10.13
C GLY F 34 -16.77 4.86 10.90
N ASN F 35 -15.99 4.49 11.90
CA ASN F 35 -15.23 5.50 12.62
C ASN F 35 -13.90 5.72 11.90
N PRO F 36 -13.62 6.94 11.34
CA PRO F 36 -12.44 7.14 10.52
C PRO F 36 -11.10 6.92 11.22
N VAL F 37 -11.09 6.98 12.56
CA VAL F 37 -9.85 6.98 13.31
C VAL F 37 -9.46 5.54 13.67
N CYS F 38 -10.34 4.79 14.32
CA CYS F 38 -9.96 3.45 14.77
C CYS F 38 -10.29 2.42 13.69
N GLY F 39 -11.21 2.74 12.75
CA GLY F 39 -11.59 1.79 11.70
C GLY F 39 -12.77 0.89 12.07
N ASP F 40 -13.34 1.04 13.29
CA ASP F 40 -14.50 0.28 13.69
C ASP F 40 -15.73 0.66 12.87
N LEU F 41 -16.55 -0.37 12.67
CA LEU F 41 -17.81 -0.36 11.96
C LEU F 41 -18.97 -0.56 12.91
N MET F 42 -20.00 0.22 12.61
CA MET F 42 -21.31 0.19 13.28
C MET F 42 -22.42 -0.04 12.26
N GLU F 43 -23.23 -1.08 12.54
CA GLU F 43 -24.34 -1.54 11.71
C GLU F 43 -25.62 -1.58 12.52
N ILE F 44 -26.64 -0.97 11.89
CA ILE F 44 -28.00 -0.91 12.42
C ILE F 44 -28.97 -1.45 11.38
N PHE F 45 -29.87 -2.28 11.97
CA PHE F 45 -30.95 -3.00 11.34
C PHE F 45 -32.28 -2.58 11.97
N ILE F 46 -33.21 -2.24 11.05
CA ILE F 46 -34.56 -1.86 11.42
C ILE F 46 -35.59 -2.69 10.65
N LYS F 47 -36.59 -3.03 11.47
CA LYS F 47 -37.90 -3.45 11.02
C LYS F 47 -38.93 -2.35 11.28
N VAL F 48 -39.66 -1.99 10.19
CA VAL F 48 -40.62 -0.90 10.20
C VAL F 48 -42.04 -1.47 10.16
N GLY F 49 -42.86 -1.12 11.16
CA GLY F 49 -44.28 -1.46 11.19
C GLY F 49 -45.10 -0.22 11.48
N ASP F 50 -46.00 0.14 10.55
CA ASP F 50 -46.91 1.24 10.75
C ASP F 50 -46.12 2.54 10.84
N GLU F 51 -45.14 2.69 9.95
CA GLU F 51 -44.26 3.85 9.88
C GLU F 51 -43.59 4.15 11.22
N LYS F 52 -43.27 3.07 11.95
CA LYS F 52 -42.54 3.15 13.19
C LYS F 52 -41.39 2.14 13.17
N ILE F 53 -40.38 2.39 14.02
CA ILE F 53 -39.34 1.40 14.27
C ILE F 53 -39.91 0.33 15.21
N GLU F 54 -40.24 -0.82 14.62
CA GLU F 54 -40.87 -1.94 15.31
C GLU F 54 -39.77 -2.76 15.99
N ASP F 55 -38.69 -3.02 15.26
CA ASP F 55 -37.54 -3.69 15.82
C ASP F 55 -36.26 -3.00 15.33
N ILE F 56 -35.30 -3.10 16.19
CA ILE F 56 -34.01 -2.51 15.89
C ILE F 56 -32.92 -3.37 16.53
N LYS F 57 -31.88 -3.62 15.73
CA LYS F 57 -30.66 -4.23 16.24
C LYS F 57 -29.41 -3.48 15.79
N PHE F 58 -28.33 -3.66 16.58
CA PHE F 58 -27.01 -3.17 16.17
C PHE F 58 -25.92 -4.23 16.38
N ARG F 59 -24.90 -4.11 15.55
CA ARG F 59 -23.74 -4.98 15.65
C ARG F 59 -22.48 -4.13 15.42
N THR F 60 -21.50 -4.34 16.28
CA THR F 60 -20.30 -3.58 16.17
C THR F 60 -19.21 -4.36 16.86
N PHE F 61 -18.00 -4.18 16.33
CA PHE F 61 -16.84 -4.63 17.08
C PHE F 61 -16.08 -3.47 17.75
N GLY F 62 -16.73 -2.32 17.88
CA GLY F 62 -16.06 -1.14 18.40
C GLY F 62 -15.92 -1.13 19.93
N CYS F 63 -15.65 0.05 20.49
CA CYS F 63 -15.19 0.14 21.88
C CYS F 63 -16.40 0.23 22.81
N GLY F 64 -16.14 0.26 24.11
CA GLY F 64 -17.20 0.31 25.12
C GLY F 64 -18.07 1.54 24.92
N ALA F 65 -17.45 2.66 24.55
CA ALA F 65 -18.23 3.87 24.44
C ALA F 65 -19.25 3.73 23.30
N ALA F 66 -18.76 3.19 22.18
CA ALA F 66 -19.61 3.00 21.00
C ALA F 66 -20.75 2.06 21.37
N ILE F 67 -20.44 1.01 22.12
CA ILE F 67 -21.44 -0.01 22.38
C ILE F 67 -22.51 0.54 23.31
N ALA F 68 -22.10 1.22 24.37
CA ALA F 68 -23.05 1.72 25.33
C ALA F 68 -23.97 2.75 24.67
N THR F 69 -23.32 3.62 23.83
CA THR F 69 -24.14 4.64 23.18
C THR F 69 -25.11 3.99 22.21
N SER F 70 -24.69 2.94 21.52
CA SER F 70 -25.59 2.21 20.63
C SER F 70 -26.76 1.63 21.36
N SER F 71 -26.48 1.04 22.52
CA SER F 71 -27.49 0.47 23.39
C SER F 71 -28.54 1.54 23.74
N MET F 72 -28.03 2.71 24.12
CA MET F 72 -28.90 3.82 24.48
C MET F 72 -29.79 4.26 23.32
N ILE F 73 -29.14 4.48 22.19
CA ILE F 73 -29.81 5.13 21.08
C ILE F 73 -30.82 4.18 20.46
N THR F 74 -30.50 2.90 20.37
CA THR F 74 -31.46 1.97 19.80
C THR F 74 -32.64 1.84 20.77
N GLU F 75 -32.38 1.86 22.10
CA GLU F 75 -33.48 1.84 23.07
C GLU F 75 -34.43 3.03 22.86
N MET F 76 -33.82 4.19 22.64
CA MET F 76 -34.55 5.42 22.43
C MET F 76 -35.42 5.32 21.17
N ALA F 77 -34.84 4.75 20.11
CA ALA F 77 -35.47 4.71 18.82
C ALA F 77 -36.58 3.68 18.75
N ARG F 78 -36.57 2.64 19.59
CA ARG F 78 -37.62 1.63 19.54
C ARG F 78 -38.98 2.32 19.65
N GLY F 79 -39.87 2.08 18.68
CA GLY F 79 -41.24 2.55 18.78
C GLY F 79 -41.45 3.98 18.27
N LYS F 80 -40.39 4.69 17.89
CA LYS F 80 -40.52 6.05 17.37
C LYS F 80 -40.91 6.00 15.89
N SER F 81 -41.57 7.07 15.43
CA SER F 81 -41.83 7.30 14.02
C SER F 81 -40.51 7.62 13.30
N LEU F 82 -40.49 7.38 12.00
CA LEU F 82 -39.29 7.65 11.21
C LEU F 82 -38.84 9.09 11.37
N GLU F 83 -39.80 10.01 11.41
CA GLU F 83 -39.50 11.42 11.54
C GLU F 83 -38.78 11.68 12.88
N GLU F 84 -39.33 11.10 13.94
CA GLU F 84 -38.76 11.28 15.26
C GLU F 84 -37.34 10.68 15.31
N ALA F 85 -37.24 9.51 14.69
CA ALA F 85 -36.03 8.70 14.71
C ALA F 85 -34.87 9.44 14.02
N MET F 86 -35.17 10.08 12.88
CA MET F 86 -34.22 10.86 12.14
C MET F 86 -33.67 12.00 12.96
N ARG F 87 -34.34 12.43 14.05
CA ARG F 87 -33.90 13.57 14.81
C ARG F 87 -33.13 13.12 16.04
N ILE F 88 -33.05 11.80 16.27
CA ILE F 88 -32.30 11.30 17.42
C ILE F 88 -30.81 11.41 17.14
N THR F 89 -30.06 12.04 18.07
CA THR F 89 -28.62 12.11 17.99
C THR F 89 -28.03 11.80 19.36
N ARG F 90 -26.69 11.78 19.44
CA ARG F 90 -25.99 11.52 20.68
C ARG F 90 -26.39 12.57 21.75
N ASN F 91 -26.84 13.75 21.33
CA ASN F 91 -27.19 14.82 22.25
C ASN F 91 -28.34 14.43 23.17
N ASP F 92 -29.21 13.51 22.69
CA ASP F 92 -30.34 13.07 23.46
C ASP F 92 -29.91 12.28 24.70
N VAL F 93 -28.62 11.88 24.78
CA VAL F 93 -28.10 11.17 25.94
C VAL F 93 -26.82 11.85 26.42
N ALA F 94 -26.70 13.16 26.16
CA ALA F 94 -25.49 13.90 26.48
C ALA F 94 -25.10 13.75 27.96
N ASP F 95 -26.14 13.63 28.82
CA ASP F 95 -25.96 13.58 30.26
C ASP F 95 -25.22 12.31 30.65
N ALA F 96 -25.67 11.18 30.12
CA ALA F 96 -25.05 9.88 30.34
C ALA F 96 -23.58 9.88 29.88
N LEU F 97 -23.25 10.58 28.77
CA LEU F 97 -21.96 10.43 28.11
C LEU F 97 -20.96 11.48 28.57
N ASP F 98 -21.39 12.42 29.42
CA ASP F 98 -20.52 13.47 29.92
C ASP F 98 -19.41 12.83 30.76
N GLY F 99 -18.18 13.30 30.63
CA GLY F 99 -17.11 12.66 31.39
C GLY F 99 -16.43 11.47 30.70
N LEU F 100 -16.96 11.02 29.55
CA LEU F 100 -16.28 9.99 28.75
C LEU F 100 -14.91 10.50 28.32
N PRO F 101 -13.87 9.65 28.17
CA PRO F 101 -12.61 10.10 27.57
C PRO F 101 -12.97 10.92 26.33
N PRO F 102 -12.33 12.08 26.12
CA PRO F 102 -12.74 13.00 25.07
C PRO F 102 -12.61 12.42 23.65
N GLN F 103 -11.73 11.42 23.45
CA GLN F 103 -11.66 10.81 22.13
C GLN F 103 -12.94 10.07 21.74
N LYS F 104 -13.87 9.83 22.68
CA LYS F 104 -14.93 8.89 22.39
C LYS F 104 -16.13 9.54 21.70
N MET F 105 -16.03 10.83 21.34
CA MET F 105 -17.17 11.51 20.72
C MET F 105 -17.51 10.86 19.38
N CYS F 106 -16.46 10.55 18.60
N CYS F 106 -16.45 10.61 18.62
CA CYS F 106 -16.69 9.91 17.32
CA CYS F 106 -16.49 9.89 17.38
C CYS F 106 -17.33 8.54 17.50
C CYS F 106 -17.29 8.60 17.54
N CYS F 107 -16.86 7.80 18.51
CA CYS F 107 -17.41 6.50 18.83
C CYS F 107 -18.90 6.61 19.12
N SER F 108 -19.26 7.63 19.92
CA SER F 108 -20.62 7.84 20.33
C SER F 108 -21.50 8.28 19.16
N ASN F 109 -20.92 8.96 18.17
CA ASN F 109 -21.70 9.39 17.03
C ASN F 109 -22.11 8.18 16.16
N LEU F 110 -21.43 7.04 16.32
CA LEU F 110 -21.64 6.00 15.31
C LEU F 110 -23.11 5.62 15.28
N ALA F 111 -23.72 5.50 16.47
CA ALA F 111 -24.98 4.80 16.60
C ALA F 111 -26.07 5.53 15.81
N ALA F 112 -26.17 6.82 16.16
CA ALA F 112 -27.19 7.65 15.57
C ALA F 112 -27.00 7.76 14.06
N ASP F 113 -25.72 7.85 13.63
CA ASP F 113 -25.41 7.91 12.20
C ASP F 113 -25.94 6.68 11.48
N ALA F 114 -25.67 5.52 12.11
CA ALA F 114 -26.07 4.27 11.50
C ALA F 114 -27.59 4.17 11.44
N LEU F 115 -28.27 4.64 12.49
CA LEU F 115 -29.74 4.70 12.55
C LEU F 115 -30.27 5.48 11.35
N HIS F 116 -29.66 6.66 11.18
CA HIS F 116 -30.05 7.58 10.12
C HIS F 116 -29.92 6.90 8.76
N ALA F 117 -28.78 6.23 8.59
CA ALA F 117 -28.47 5.54 7.35
C ALA F 117 -29.52 4.47 7.06
N ALA F 118 -29.87 3.72 8.10
CA ALA F 118 -30.86 2.66 8.01
C ALA F 118 -32.20 3.23 7.53
N ILE F 119 -32.57 4.34 8.18
CA ILE F 119 -33.85 4.96 7.88
C ILE F 119 -33.86 5.41 6.41
N ASN F 120 -32.74 5.99 5.98
CA ASN F 120 -32.61 6.49 4.61
C ASN F 120 -32.77 5.34 3.62
N ASP F 121 -32.12 4.22 3.94
CA ASP F 121 -32.16 3.00 3.13
C ASP F 121 -33.61 2.56 2.96
N TYR F 122 -34.30 2.53 4.10
CA TYR F 122 -35.70 2.10 4.13
C TYR F 122 -36.55 2.97 3.22
N LEU F 123 -36.32 4.29 3.36
CA LEU F 123 -37.06 5.27 2.59
C LEU F 123 -36.85 5.07 1.09
N SER F 124 -35.58 4.84 0.74
CA SER F 124 -35.28 4.70 -0.66
C SER F 124 -35.89 3.40 -1.21
N LYS F 125 -35.92 2.34 -0.39
CA LYS F 125 -36.57 1.09 -0.78
C LYS F 125 -38.05 1.31 -1.04
N LYS F 126 -38.68 2.08 -0.14
CA LYS F 126 -40.09 2.42 -0.25
C LYS F 126 -40.36 3.12 -1.56
N GLN F 127 -39.37 3.54 -2.32
CA GLN F 127 -39.59 4.23 -3.58
C GLN F 127 -40.40 3.40 -4.57
N LYS F 128 -40.05 2.11 -4.74
CA LYS F 128 -40.92 1.16 -5.43
C LYS F 128 -40.54 -0.26 -5.00
FE1 FES G . 15.83 -1.36 -29.67
FE2 FES G . 15.77 1.28 -29.23
S1 FES G . 14.07 -0.11 -29.46
S2 FES G . 17.50 0.04 -29.29
FE FE2 H . 10.98 2.55 -36.99
FE FE2 I . 14.62 3.13 -38.94
FE1 FES J . 20.71 -3.39 -26.15
FE2 FES J . 21.27 -0.92 -26.86
S1 FES J . 22.13 -2.02 -25.14
S2 FES J . 19.77 -2.25 -27.71
FE FE2 K . 29.18 -6.53 -30.04
OH2 1PE L . 13.79 0.83 -14.85
C12 1PE L . 14.66 1.89 -15.24
C22 1PE L . 15.91 1.29 -15.86
OH3 1PE L . 17.05 1.26 -14.97
C13 1PE L . 19.35 2.13 -15.52
C23 1PE L . 18.31 1.00 -15.63
OH4 1PE L . 18.70 3.40 -15.24
C14 1PE L . 19.40 5.46 -16.48
C24 1PE L . 19.53 4.57 -15.24
OH5 1PE L . 20.43 6.46 -16.41
C15 1PE L . 22.21 7.77 -17.45
C25 1PE L . 21.14 6.68 -17.61
OH6 1PE L . 22.04 8.64 -16.33
C16 1PE L . 23.06 10.67 -15.28
C26 1PE L . 22.68 9.90 -16.57
OH7 1PE L . 21.96 11.38 -14.68
S SO4 M . 9.86 -19.36 -19.63
O1 SO4 M . 8.76 -18.41 -19.59
O2 SO4 M . 9.38 -20.66 -19.20
O3 SO4 M . 10.36 -19.44 -20.97
O4 SO4 M . 10.90 -18.93 -18.74
FE1 FES N . -4.38 7.22 3.20
FE2 FES N . -2.48 8.70 4.35
S1 FES N . -3.67 9.19 2.53
S2 FES N . -3.19 6.69 4.94
FE FE2 O . -10.90 13.88 4.29
FE FE2 P . -11.66 12.20 7.59
C1 PGE Q . 4.58 13.90 -4.27
O1 PGE Q . 5.59 14.91 -4.45
C2 PGE Q . 4.90 12.58 -4.92
O2 PGE Q . 4.42 12.54 -6.27
C3 PGE Q . 4.10 11.23 -6.75
C4 PGE Q . 2.70 10.85 -6.31
O4 PGE Q . 3.25 6.57 -7.13
C6 PGE Q . 2.43 7.60 -7.71
C5 PGE Q . 1.93 8.62 -6.70
O3 PGE Q . 2.09 9.94 -7.23
FE1 FES R . -0.41 3.37 6.42
FE2 FES R . 1.92 4.68 6.22
S1 FES R . -0.04 5.52 6.30
S2 FES R . 1.56 2.48 6.22
FE FE2 S . 3.57 2.64 15.67
FE1 FES T . -8.81 -1.63 20.40
FE2 FES T . -8.93 0.70 21.93
S1 FES T . -8.43 -1.38 22.53
S2 FES T . -9.56 0.39 19.81
FE FE2 U . 0.15 -2.67 22.29
FE FE2 V . 1.49 -0.26 20.20
FE1 FES W . -14.44 3.65 19.70
FE2 FES W . -13.39 2.24 17.54
S1 FES W . -15.50 2.70 18.00
S2 FES W . -12.36 2.97 19.37
FE FE2 X . -18.06 9.74 13.84
FE FE2 Y . -15.43 12.03 14.67
#